data_6XNR
#
_entry.id   6XNR
#
_cell.length_a   66.457
_cell.length_b   91.143
_cell.length_c   117.447
_cell.angle_alpha   90.000
_cell.angle_beta   90.000
_cell.angle_gamma   90.000
#
_symmetry.space_group_name_H-M   'P 21 2 21'
#
loop_
_entity.id
_entity.type
_entity.pdbx_description
1 polymer 'Antifreeze protein'
2 non-polymer 1,2-ETHANEDIOL
3 water water
#
_entity_poly.entity_id   1
_entity_poly.type   'polypeptide(L)'
_entity_poly.pdbx_seq_one_letter_code
;MYSCRAVGVDASTVTDVQGTCHAKATGPGAVASGTSVDGSTSTATATGSGATATSTSTGTGTATTTATSNAAATSNAIGQ
GTATSTATGTAAARAIGSSTTSASATEPTQTKTVSGPGAQTATAIAIDTATTTVTASLEHHHHHH
;
_entity_poly.pdbx_strand_id   AAA,BBB,CCC,DDD,EEE
#
# COMPACT_ATOMS: atom_id res chain seq x y z
N MET A 1 13.11 11.17 -37.09
CA MET A 1 12.29 10.08 -36.48
C MET A 1 13.25 8.98 -36.00
N TYR A 2 12.93 8.34 -34.89
CA TYR A 2 13.56 7.06 -34.50
C TYR A 2 12.64 5.91 -34.87
N SER A 3 13.21 4.77 -35.21
CA SER A 3 12.44 3.52 -35.40
CA SER A 3 12.45 3.53 -35.40
C SER A 3 13.18 2.37 -34.71
N CYS A 4 12.43 1.44 -34.19
CA CYS A 4 13.01 0.33 -33.42
C CYS A 4 12.21 -0.93 -33.77
N ARG A 5 12.88 -2.06 -33.75
CA ARG A 5 12.20 -3.35 -33.99
C ARG A 5 12.99 -4.47 -33.34
N ALA A 6 12.30 -5.35 -32.64
CA ALA A 6 12.86 -6.55 -31.99
C ALA A 6 12.04 -7.75 -32.45
N VAL A 7 12.72 -8.74 -33.00
CA VAL A 7 12.09 -10.03 -33.41
C VAL A 7 12.59 -11.13 -32.48
N GLY A 8 11.67 -11.75 -31.76
CA GLY A 8 11.97 -12.83 -30.80
C GLY A 8 12.45 -14.05 -31.55
N VAL A 9 13.47 -14.70 -30.99
CA VAL A 9 14.02 -15.97 -31.51
C VAL A 9 13.94 -16.95 -30.33
N ASP A 10 14.17 -18.23 -30.58
CA ASP A 10 13.96 -19.27 -29.54
C ASP A 10 14.82 -18.95 -28.31
N ALA A 11 14.20 -18.94 -27.12
CA ALA A 11 14.86 -18.87 -25.79
C ALA A 11 15.69 -17.58 -25.68
N SER A 12 15.29 -16.55 -26.46
CA SER A 12 15.95 -15.23 -26.41
C SER A 12 14.95 -14.13 -26.05
N THR A 13 15.42 -13.13 -25.30
CA THR A 13 14.85 -11.77 -25.33
C THR A 13 15.76 -10.89 -26.17
N VAL A 14 15.15 -10.18 -27.10
CA VAL A 14 15.86 -9.26 -28.03
C VAL A 14 15.36 -7.86 -27.73
N THR A 15 16.30 -6.95 -27.55
CA THR A 15 16.00 -5.53 -27.31
C THR A 15 16.61 -4.68 -28.43
N ASP A 16 15.81 -3.75 -28.93
CA ASP A 16 16.27 -2.71 -29.87
C ASP A 16 15.80 -1.35 -29.37
N VAL A 17 16.75 -0.49 -29.07
CA VAL A 17 16.50 0.90 -28.62
C VAL A 17 17.16 1.84 -29.62
N GLN A 18 16.38 2.77 -30.14
CA GLN A 18 16.90 3.91 -30.92
C GLN A 18 16.30 5.19 -30.35
N GLY A 19 17.12 6.04 -29.75
CA GLY A 19 16.64 7.28 -29.12
C GLY A 19 15.51 6.96 -28.17
N THR A 20 14.31 7.50 -28.38
CA THR A 20 13.15 7.37 -27.45
C THR A 20 12.26 6.17 -27.85
N CYS A 21 12.76 5.30 -28.72
CA CYS A 21 12.01 4.13 -29.26
C CYS A 21 12.58 2.87 -28.63
N HIS A 22 11.78 2.13 -27.85
CA HIS A 22 12.20 0.90 -27.15
C HIS A 22 11.33 -0.27 -27.60
N ALA A 23 11.94 -1.28 -28.21
CA ALA A 23 11.27 -2.53 -28.63
C ALA A 23 11.94 -3.71 -27.91
N LYS A 24 11.10 -4.61 -27.42
CA LYS A 24 11.58 -5.82 -26.74
C LYS A 24 10.67 -6.98 -27.14
N ALA A 25 11.29 -8.06 -27.59
CA ALA A 25 10.56 -9.27 -28.02
C ALA A 25 11.22 -10.49 -27.42
N THR A 26 10.40 -11.41 -26.93
CA THR A 26 10.85 -12.67 -26.30
C THR A 26 10.17 -13.86 -26.96
N GLY A 27 10.98 -14.81 -27.41
CA GLY A 27 10.53 -16.08 -27.92
C GLY A 27 10.15 -16.03 -29.40
N PRO A 28 10.03 -17.20 -30.05
CA PRO A 28 9.80 -17.26 -31.48
C PRO A 28 8.36 -16.78 -31.75
N GLY A 29 8.16 -16.02 -32.81
CA GLY A 29 6.84 -15.51 -33.25
C GLY A 29 6.43 -14.27 -32.47
N ALA A 30 7.36 -13.65 -31.74
CA ALA A 30 7.14 -12.37 -31.04
C ALA A 30 7.79 -11.24 -31.84
N VAL A 31 7.05 -10.16 -32.08
CA VAL A 31 7.62 -8.97 -32.74
C VAL A 31 7.11 -7.72 -32.05
N ALA A 32 8.05 -6.85 -31.71
CA ALA A 32 7.78 -5.51 -31.16
C ALA A 32 8.43 -4.48 -32.09
N SER A 33 7.71 -3.43 -32.41
CA SER A 33 8.25 -2.33 -33.26
C SER A 33 7.64 -1.00 -32.87
N GLY A 34 8.33 0.07 -33.23
CA GLY A 34 7.85 1.41 -32.92
C GLY A 34 8.55 2.46 -33.74
N THR A 35 7.98 3.65 -33.71
CA THR A 35 8.61 4.89 -34.21
C THR A 35 8.33 5.94 -33.14
N SER A 36 9.24 6.89 -33.02
CA SER A 36 9.11 7.98 -32.03
C SER A 36 9.97 9.15 -32.50
N VAL A 37 9.88 10.25 -31.75
CA VAL A 37 10.72 11.45 -32.00
C VAL A 37 11.32 11.89 -30.67
N ASP A 38 12.23 12.87 -30.73
CA ASP A 38 12.73 13.57 -29.54
C ASP A 38 11.50 14.25 -28.93
N GLY A 39 11.17 13.97 -27.68
CA GLY A 39 9.99 14.60 -27.04
C GLY A 39 8.84 13.63 -26.91
N SER A 40 8.89 12.52 -27.65
CA SER A 40 7.88 11.45 -27.56
C SER A 40 8.57 10.21 -26.98
N THR A 41 7.79 9.20 -26.63
CA THR A 41 8.31 7.90 -26.18
C THR A 41 7.46 6.79 -26.78
N SER A 42 8.10 5.78 -27.33
CA SER A 42 7.41 4.54 -27.77
C SER A 42 8.09 3.38 -27.06
N THR A 43 7.27 2.53 -26.45
CA THR A 43 7.72 1.30 -25.77
C THR A 43 6.81 0.18 -26.28
N ALA A 44 7.41 -0.86 -26.86
CA ALA A 44 6.67 -2.02 -27.37
C ALA A 44 7.31 -3.29 -26.82
N THR A 45 6.51 -4.16 -26.23
CA THR A 45 6.96 -5.42 -25.62
C THR A 45 6.07 -6.56 -26.12
N ALA A 46 6.66 -7.60 -26.68
CA ALA A 46 5.95 -8.77 -27.20
C ALA A 46 6.59 -10.01 -26.61
N THR A 47 5.78 -10.95 -26.12
CA THR A 47 6.25 -12.23 -25.57
C THR A 47 5.42 -13.36 -26.14
N GLY A 48 6.11 -14.36 -26.68
CA GLY A 48 5.48 -15.65 -27.06
C GLY A 48 4.96 -15.63 -28.48
N SER A 49 4.56 -16.80 -28.94
CA SER A 49 4.19 -17.06 -30.35
C SER A 49 2.91 -16.30 -30.68
N GLY A 50 2.96 -15.48 -31.74
CA GLY A 50 1.81 -14.75 -32.28
C GLY A 50 1.65 -13.39 -31.62
N ALA A 51 2.62 -12.95 -30.83
CA ALA A 51 2.55 -11.65 -30.13
C ALA A 51 3.11 -10.55 -31.03
N THR A 52 2.31 -9.52 -31.28
CA THR A 52 2.71 -8.33 -32.06
C THR A 52 2.38 -7.07 -31.28
N ALA A 53 3.40 -6.27 -30.97
CA ALA A 53 3.27 -4.98 -30.26
C ALA A 53 3.82 -3.87 -31.16
N THR A 54 2.99 -2.87 -31.45
CA THR A 54 3.37 -1.75 -32.33
C THR A 54 3.08 -0.43 -31.63
N SER A 55 4.11 0.37 -31.36
CA SER A 55 3.99 1.67 -30.65
C SER A 55 4.45 2.80 -31.58
N THR A 56 3.56 3.72 -31.88
CA THR A 56 3.82 4.91 -32.72
C THR A 56 3.57 6.16 -31.90
N SER A 57 4.57 7.03 -31.77
CA SER A 57 4.39 8.33 -31.07
C SER A 57 5.02 9.46 -31.88
N THR A 58 4.38 10.63 -31.83
CA THR A 58 4.88 11.91 -32.36
C THR A 58 4.64 13.01 -31.31
N GLY A 59 5.21 14.19 -31.54
CA GLY A 59 5.06 15.36 -30.65
C GLY A 59 5.51 14.99 -29.23
N THR A 60 4.61 15.07 -28.25
CA THR A 60 4.90 14.75 -26.82
C THR A 60 4.15 13.48 -26.41
N GLY A 61 3.69 12.67 -27.37
CA GLY A 61 2.92 11.47 -27.08
C GLY A 61 3.77 10.38 -26.42
N THR A 62 3.13 9.55 -25.61
CA THR A 62 3.70 8.29 -25.08
C THR A 62 2.84 7.12 -25.56
N ALA A 63 3.44 6.20 -26.33
CA ALA A 63 2.76 5.01 -26.90
C ALA A 63 3.40 3.78 -26.28
N THR A 64 2.61 2.99 -25.57
CA THR A 64 3.08 1.79 -24.83
C THR A 64 2.22 0.60 -25.23
N THR A 65 2.85 -0.48 -25.67
CA THR A 65 2.13 -1.72 -26.03
C THR A 65 2.79 -2.90 -25.33
N THR A 66 1.98 -3.84 -24.88
CA THR A 66 2.41 -5.14 -24.32
C THR A 66 1.51 -6.23 -24.91
N ALA A 67 2.10 -7.16 -25.65
CA ALA A 67 1.37 -8.27 -26.28
C ALA A 67 1.97 -9.57 -25.77
N THR A 68 1.13 -10.49 -25.32
CA THR A 68 1.55 -11.82 -24.82
C THR A 68 0.76 -12.91 -25.55
N SER A 69 1.47 -13.89 -26.09
CA SER A 69 0.90 -15.07 -26.78
C SER A 69 0.10 -14.58 -27.99
N ASN A 70 -1.06 -15.18 -28.25
CA ASN A 70 -1.83 -14.95 -29.50
C ASN A 70 -2.51 -13.58 -29.36
N ALA A 71 -1.80 -12.50 -29.64
CA ALA A 71 -2.24 -11.14 -29.25
C ALA A 71 -1.54 -10.07 -30.10
N ALA A 72 -2.27 -9.00 -30.39
CA ALA A 72 -1.77 -7.76 -31.00
C ALA A 72 -2.13 -6.61 -30.07
N ALA A 73 -1.15 -5.79 -29.72
CA ALA A 73 -1.38 -4.50 -29.04
C ALA A 73 -0.78 -3.40 -29.90
N THR A 74 -1.56 -2.37 -30.18
CA THR A 74 -1.20 -1.20 -31.01
C THR A 74 -1.53 0.07 -30.22
N SER A 75 -0.54 0.94 -30.05
CA SER A 75 -0.73 2.26 -29.41
C SER A 75 -0.21 3.33 -30.37
N ASN A 76 -1.07 4.33 -30.62
CA ASN A 76 -0.77 5.48 -31.49
C ASN A 76 -0.94 6.73 -30.62
N ALA A 77 0.16 7.37 -30.26
CA ALA A 77 0.12 8.63 -29.50
C ALA A 77 0.50 9.75 -30.45
N ILE A 78 -0.51 10.35 -31.06
CA ILE A 78 -0.32 11.24 -32.23
C ILE A 78 -0.30 12.67 -31.72
N GLY A 79 0.90 13.23 -31.64
CA GLY A 79 1.14 14.63 -31.23
C GLY A 79 1.16 14.78 -29.72
N GLN A 80 0.42 13.97 -28.98
CA GLN A 80 0.20 14.21 -27.52
C GLN A 80 -0.48 12.99 -26.89
N GLY A 81 -0.54 12.98 -25.56
CA GLY A 81 -1.33 12.00 -24.79
C GLY A 81 -0.58 10.71 -24.56
N THR A 82 -1.19 9.83 -23.74
CA THR A 82 -0.65 8.52 -23.37
C THR A 82 -1.59 7.45 -23.90
N ALA A 83 -1.11 6.69 -24.87
CA ALA A 83 -1.85 5.57 -25.49
C ALA A 83 -1.22 4.28 -24.98
N THR A 84 -1.97 3.50 -24.21
CA THR A 84 -1.46 2.27 -23.60
C THR A 84 -2.37 1.12 -24.00
N SER A 85 -1.79 0.01 -24.46
CA SER A 85 -2.57 -1.17 -24.86
C SER A 85 -1.87 -2.41 -24.33
N THR A 86 -2.63 -3.29 -23.67
CA THR A 86 -2.14 -4.58 -23.13
C THR A 86 -3.08 -5.67 -23.63
N ALA A 87 -2.52 -6.70 -24.28
CA ALA A 87 -3.32 -7.79 -24.85
C ALA A 87 -2.63 -9.12 -24.57
N THR A 88 -3.42 -10.09 -24.10
CA THR A 88 -2.96 -11.45 -23.78
C THR A 88 -3.95 -12.43 -24.36
N GLY A 89 -3.48 -13.33 -25.21
CA GLY A 89 -4.29 -14.38 -25.83
C GLY A 89 -3.81 -15.77 -25.46
N THR A 90 -4.41 -16.76 -26.06
CA THR A 90 -4.04 -18.19 -25.94
C THR A 90 -4.19 -18.80 -27.34
N ALA A 91 -3.70 -20.01 -27.56
CA ALA A 91 -3.92 -20.70 -28.85
C ALA A 91 -5.43 -20.78 -29.05
N ALA A 92 -5.90 -20.31 -30.22
CA ALA A 92 -7.30 -20.30 -30.70
C ALA A 92 -8.20 -19.34 -29.90
N ALA A 93 -7.59 -18.32 -29.28
CA ALA A 93 -8.33 -17.16 -28.72
C ALA A 93 -7.41 -15.95 -28.80
N ARG A 94 -7.59 -15.10 -29.83
CA ARG A 94 -6.68 -13.98 -30.08
C ARG A 94 -7.21 -12.73 -29.36
N ALA A 95 -6.31 -12.02 -28.71
CA ALA A 95 -6.63 -10.77 -27.99
C ALA A 95 -6.08 -9.62 -28.85
N ILE A 96 -6.94 -8.65 -29.15
CA ILE A 96 -6.52 -7.47 -29.94
C ILE A 96 -6.84 -6.21 -29.16
N GLY A 97 -5.84 -5.41 -28.86
CA GLY A 97 -5.95 -4.09 -28.23
C GLY A 97 -5.48 -3.01 -29.16
N SER A 98 -6.19 -1.89 -29.21
CA SER A 98 -5.79 -0.69 -29.95
C SER A 98 -6.11 0.55 -29.13
N SER A 99 -5.10 1.38 -28.87
CA SER A 99 -5.27 2.67 -28.17
C SER A 99 -4.71 3.78 -29.05
N THR A 100 -5.50 4.83 -29.22
CA THR A 100 -5.03 6.04 -29.94
C THR A 100 -5.28 7.30 -29.11
N THR A 101 -4.29 8.17 -28.98
CA THR A 101 -4.50 9.56 -28.51
C THR A 101 -4.24 10.50 -29.69
N SER A 102 -5.13 11.46 -29.83
CA SER A 102 -5.17 12.37 -31.00
C SER A 102 -5.99 13.61 -30.60
N ALA A 103 -5.52 14.77 -31.03
CA ALA A 103 -6.21 16.06 -30.87
C ALA A 103 -7.59 15.99 -31.53
N SER A 104 -7.84 15.07 -32.47
CA SER A 104 -9.14 14.97 -33.17
C SER A 104 -10.17 14.16 -32.36
N ALA A 105 -9.75 13.44 -31.32
CA ALA A 105 -10.69 12.65 -30.49
C ALA A 105 -11.64 13.61 -29.75
N THR A 106 -12.80 13.08 -29.35
CA THR A 106 -13.94 13.78 -28.72
C THR A 106 -13.79 13.82 -27.18
N GLU A 107 -13.19 12.81 -26.59
CA GLU A 107 -13.14 12.59 -25.13
C GLU A 107 -11.70 12.68 -24.62
N PRO A 108 -11.48 13.42 -23.50
CA PRO A 108 -10.16 13.47 -22.86
C PRO A 108 -9.63 12.06 -22.54
N THR A 109 -10.48 11.20 -22.00
CA THR A 109 -10.09 9.85 -21.53
C THR A 109 -11.05 8.80 -22.12
N GLN A 110 -10.49 7.66 -22.49
CA GLN A 110 -11.27 6.48 -22.89
C GLN A 110 -10.52 5.25 -22.41
N THR A 111 -11.24 4.40 -21.67
CA THR A 111 -10.69 3.17 -21.05
C THR A 111 -11.60 2.01 -21.43
N LYS A 112 -10.99 0.95 -21.94
CA LYS A 112 -11.75 -0.28 -22.26
C LYS A 112 -11.02 -1.48 -21.68
N THR A 113 -11.71 -2.24 -20.83
CA THR A 113 -11.18 -3.49 -20.23
C THR A 113 -12.08 -4.63 -20.65
N VAL A 114 -11.49 -5.64 -21.27
CA VAL A 114 -12.27 -6.73 -21.93
C VAL A 114 -11.60 -8.04 -21.58
N SER A 115 -12.42 -9.01 -21.18
CA SER A 115 -11.93 -10.33 -20.74
C SER A 115 -13.01 -11.35 -21.04
N GLY A 116 -12.67 -12.46 -21.68
CA GLY A 116 -13.61 -13.57 -21.85
C GLY A 116 -13.01 -14.70 -22.67
N PRO A 117 -13.74 -15.82 -22.77
CA PRO A 117 -13.32 -16.94 -23.61
C PRO A 117 -13.49 -16.60 -25.09
N GLY A 118 -12.59 -17.14 -25.93
CA GLY A 118 -12.57 -16.89 -27.38
C GLY A 118 -11.98 -15.53 -27.69
N ALA A 119 -11.93 -15.17 -28.96
CA ALA A 119 -11.32 -13.90 -29.45
C ALA A 119 -11.94 -12.71 -28.70
N GLN A 120 -11.12 -11.74 -28.32
CA GLN A 120 -11.56 -10.51 -27.63
C GLN A 120 -10.84 -9.32 -28.28
N THR A 121 -11.54 -8.20 -28.41
CA THR A 121 -10.96 -6.93 -28.94
C THR A 121 -11.33 -5.79 -27.99
N ALA A 122 -10.43 -4.85 -27.81
CA ALA A 122 -10.73 -3.56 -27.17
C ALA A 122 -10.00 -2.44 -27.89
N THR A 123 -10.74 -1.39 -28.21
CA THR A 123 -10.26 -0.18 -28.91
C THR A 123 -10.63 1.04 -28.06
N ALA A 124 -9.72 2.00 -27.95
CA ALA A 124 -9.96 3.28 -27.27
C ALA A 124 -9.36 4.38 -28.13
N ILE A 125 -10.09 5.50 -28.28
CA ILE A 125 -9.54 6.76 -28.84
C ILE A 125 -9.85 7.93 -27.90
N ALA A 126 -8.85 8.75 -27.59
CA ALA A 126 -8.99 9.86 -26.62
C ALA A 126 -7.99 10.98 -26.92
N ILE A 127 -8.21 12.13 -26.30
CA ILE A 127 -7.37 13.34 -26.49
C ILE A 127 -6.11 13.19 -25.63
N ASP A 128 -6.25 12.72 -24.38
CA ASP A 128 -5.15 12.71 -23.39
C ASP A 128 -4.75 11.28 -23.03
N THR A 129 -5.71 10.39 -22.76
CA THR A 129 -5.43 9.07 -22.19
C THR A 129 -6.37 8.04 -22.81
N ALA A 130 -5.78 7.15 -23.61
CA ALA A 130 -6.49 6.00 -24.19
C ALA A 130 -5.83 4.74 -23.65
N THR A 131 -6.62 3.91 -22.98
CA THR A 131 -6.11 2.69 -22.34
C THR A 131 -6.99 1.49 -22.68
N THR A 132 -6.38 0.44 -23.19
CA THR A 132 -7.07 -0.83 -23.51
C THR A 132 -6.34 -1.97 -22.81
N THR A 133 -7.12 -2.86 -22.19
CA THR A 133 -6.63 -4.11 -21.60
C THR A 133 -7.53 -5.23 -22.07
N VAL A 134 -6.97 -6.26 -22.69
CA VAL A 134 -7.76 -7.33 -23.34
C VAL A 134 -7.13 -8.66 -22.96
N THR A 135 -7.98 -9.58 -22.52
CA THR A 135 -7.60 -10.98 -22.23
C THR A 135 -8.57 -11.90 -22.94
N ALA A 136 -8.05 -12.80 -23.76
CA ALA A 136 -8.82 -13.87 -24.44
C ALA A 136 -8.34 -15.21 -23.91
N SER A 137 -9.28 -16.00 -23.41
CA SER A 137 -9.07 -17.26 -22.67
C SER A 137 -9.65 -18.41 -23.49
N LEU A 138 -9.45 -19.63 -23.04
CA LEU A 138 -9.83 -20.84 -23.80
C LEU A 138 -11.35 -21.08 -23.72
N GLU A 139 -11.96 -21.19 -24.91
CA GLU A 139 -13.41 -21.43 -25.13
C GLU A 139 -13.78 -22.76 -24.46
N MET B 1 7.64 44.16 -3.65
CA MET B 1 7.50 42.68 -3.60
C MET B 1 6.07 42.30 -3.93
N TYR B 2 5.88 41.21 -4.66
CA TYR B 2 4.55 40.57 -4.82
C TYR B 2 4.49 39.37 -3.91
N SER B 3 3.30 39.09 -3.40
CA SER B 3 3.03 37.83 -2.66
C SER B 3 1.69 37.28 -3.13
N CYS B 4 1.57 35.97 -3.15
CA CYS B 4 0.36 35.33 -3.70
C CYS B 4 0.12 34.08 -2.86
N ARG B 5 -1.13 33.69 -2.72
CA ARG B 5 -1.49 32.51 -1.93
C ARG B 5 -2.86 32.02 -2.34
N ALA B 6 -2.98 30.71 -2.45
CA ALA B 6 -4.23 30.02 -2.80
C ALA B 6 -4.40 28.85 -1.85
N VAL B 7 -5.54 28.78 -1.17
CA VAL B 7 -5.87 27.68 -0.24
C VAL B 7 -7.07 26.92 -0.81
N GLY B 8 -6.88 25.65 -1.15
CA GLY B 8 -8.01 24.79 -1.52
C GLY B 8 -8.42 24.05 -0.30
N VAL B 9 -9.43 24.50 0.43
CA VAL B 9 -9.96 23.78 1.63
C VAL B 9 -10.76 22.59 1.11
N ASP B 10 -11.88 22.79 0.38
CA ASP B 10 -12.68 21.65 -0.15
C ASP B 10 -12.41 21.49 -1.64
N ALA B 11 -13.25 20.72 -2.37
CA ALA B 11 -12.94 20.13 -3.71
C ALA B 11 -13.12 21.20 -4.80
N SER B 12 -12.52 22.35 -4.53
CA SER B 12 -12.69 23.63 -5.25
C SER B 12 -11.29 24.18 -5.58
N THR B 13 -11.21 25.04 -6.59
CA THR B 13 -9.93 25.59 -7.06
C THR B 13 -9.87 27.07 -6.71
N VAL B 14 -8.74 27.50 -6.17
CA VAL B 14 -8.46 28.92 -5.86
C VAL B 14 -7.24 29.34 -6.65
N THR B 15 -7.29 30.48 -7.29
CA THR B 15 -6.14 31.05 -8.04
C THR B 15 -5.91 32.46 -7.55
N ASP B 16 -4.66 32.81 -7.33
CA ASP B 16 -4.25 34.16 -6.85
C ASP B 16 -3.00 34.54 -7.62
N VAL B 17 -3.13 35.60 -8.42
CA VAL B 17 -2.01 36.16 -9.21
C VAL B 17 -1.83 37.62 -8.78
N GLN B 18 -0.60 37.97 -8.43
CA GLN B 18 -0.20 39.36 -8.11
C GLN B 18 1.13 39.59 -8.82
N GLY B 19 1.14 40.46 -9.83
CA GLY B 19 2.36 40.74 -10.62
C GLY B 19 2.94 39.42 -11.12
N THR B 20 4.19 39.12 -10.76
CA THR B 20 4.94 37.94 -11.26
C THR B 20 4.76 36.74 -10.33
N CYS B 21 3.81 36.79 -9.41
CA CYS B 21 3.54 35.74 -8.40
C CYS B 21 2.24 35.02 -8.78
N HIS B 22 2.31 33.72 -9.08
CA HIS B 22 1.14 32.90 -9.49
C HIS B 22 0.96 31.73 -8.53
N ALA B 23 -0.17 31.66 -7.85
CA ALA B 23 -0.51 30.55 -6.94
C ALA B 23 -1.83 29.92 -7.37
N LYS B 24 -1.87 28.59 -7.40
CA LYS B 24 -3.10 27.86 -7.69
C LYS B 24 -3.18 26.63 -6.80
N ALA B 25 -4.31 26.45 -6.14
CA ALA B 25 -4.54 25.32 -5.23
C ALA B 25 -5.90 24.74 -5.57
N THR B 26 -5.95 23.42 -5.57
CA THR B 26 -7.17 22.66 -5.89
C THR B 26 -7.36 21.56 -4.88
N GLY B 27 -8.57 21.41 -4.36
CA GLY B 27 -9.01 20.16 -3.72
C GLY B 27 -8.84 20.34 -2.23
N PRO B 28 -9.27 19.37 -1.41
CA PRO B 28 -9.16 19.54 0.03
C PRO B 28 -7.67 19.45 0.40
N GLY B 29 -7.22 20.30 1.35
CA GLY B 29 -5.89 20.22 1.96
C GLY B 29 -4.74 20.66 1.07
N ALA B 30 -5.01 21.50 0.07
CA ALA B 30 -3.98 21.99 -0.88
C ALA B 30 -3.67 23.47 -0.57
N VAL B 31 -2.38 23.81 -0.53
CA VAL B 31 -1.93 25.21 -0.36
C VAL B 31 -0.79 25.50 -1.31
N ALA B 32 -0.90 26.60 -2.06
CA ALA B 32 0.17 27.13 -2.92
C ALA B 32 0.43 28.57 -2.50
N SER B 33 1.69 28.95 -2.38
CA SER B 33 2.04 30.37 -2.10
C SER B 33 3.36 30.73 -2.76
N GLY B 34 3.60 32.03 -2.86
CA GLY B 34 4.90 32.52 -3.32
C GLY B 34 5.11 33.97 -2.99
N THR B 35 6.36 34.39 -3.18
CA THR B 35 6.76 35.80 -3.22
C THR B 35 7.66 35.98 -4.43
N SER B 36 7.65 37.16 -5.02
CA SER B 36 8.43 37.45 -6.22
C SER B 36 8.61 38.96 -6.31
N VAL B 37 9.40 39.39 -7.28
CA VAL B 37 9.61 40.83 -7.58
C VAL B 37 9.47 41.02 -9.09
N ASP B 38 9.53 42.27 -9.54
CA ASP B 38 9.35 42.66 -10.96
C ASP B 38 10.17 41.84 -11.98
N GLY B 39 11.44 41.49 -11.75
CA GLY B 39 12.23 40.77 -12.77
C GLY B 39 12.36 39.29 -12.46
N SER B 40 11.60 38.81 -11.48
CA SER B 40 11.59 37.40 -11.06
C SER B 40 10.23 36.82 -11.40
N THR B 41 10.08 35.51 -11.27
CA THR B 41 8.79 34.81 -11.46
C THR B 41 8.68 33.72 -10.40
N SER B 42 7.53 33.64 -9.75
CA SER B 42 7.19 32.52 -8.83
C SER B 42 5.86 31.93 -9.29
N THR B 43 5.85 30.62 -9.49
CA THR B 43 4.65 29.85 -9.87
C THR B 43 4.55 28.67 -8.91
N ALA B 44 3.43 28.55 -8.21
CA ALA B 44 3.20 27.46 -7.27
C ALA B 44 1.84 26.84 -7.54
N THR B 45 1.82 25.52 -7.67
CA THR B 45 0.59 24.75 -7.96
C THR B 45 0.50 23.57 -6.99
N ALA B 46 -0.62 23.45 -6.31
CA ALA B 46 -0.83 22.37 -5.32
C ALA B 46 -2.18 21.74 -5.62
N THR B 47 -2.21 20.42 -5.66
CA THR B 47 -3.43 19.65 -5.95
C THR B 47 -3.58 18.53 -4.94
N GLY B 48 -4.73 18.48 -4.30
CA GLY B 48 -5.16 17.32 -3.50
C GLY B 48 -4.70 17.43 -2.06
N SER B 49 -5.18 16.50 -1.26
CA SER B 49 -5.03 16.49 0.20
C SER B 49 -3.55 16.36 0.58
N GLY B 50 -3.04 17.31 1.37
CA GLY B 50 -1.66 17.27 1.90
C GLY B 50 -0.65 17.90 0.97
N ALA B 51 -1.09 18.56 -0.10
CA ALA B 51 -0.18 19.18 -1.08
C ALA B 51 0.19 20.61 -0.63
N THR B 52 1.49 20.87 -0.54
CA THR B 52 2.05 22.20 -0.23
C THR B 52 3.09 22.58 -1.29
N ALA B 53 2.89 23.70 -1.97
CA ALA B 53 3.83 24.26 -2.97
C ALA B 53 4.21 25.67 -2.57
N THR B 54 5.50 25.94 -2.42
CA THR B 54 6.01 27.27 -2.05
C THR B 54 7.08 27.70 -3.05
N SER B 55 6.85 28.80 -3.76
CA SER B 55 7.82 29.37 -4.73
C SER B 55 8.27 30.75 -4.29
N THR B 56 9.56 30.90 -4.05
CA THR B 56 10.19 32.16 -3.57
C THR B 56 11.23 32.59 -4.60
N SER B 57 11.13 33.80 -5.12
CA SER B 57 12.12 34.29 -6.12
C SER B 57 12.47 35.74 -5.84
N THR B 58 13.73 36.09 -6.08
CA THR B 58 14.25 37.48 -6.07
C THR B 58 15.15 37.69 -7.28
N GLY B 59 15.55 38.95 -7.52
CA GLY B 59 16.42 39.33 -8.65
C GLY B 59 15.80 38.87 -9.98
N THR B 60 16.48 38.00 -10.72
CA THR B 60 16.00 37.47 -12.03
C THR B 60 15.64 35.99 -11.92
N GLY B 61 15.47 35.48 -10.69
CA GLY B 61 15.19 34.06 -10.45
C GLY B 61 13.81 33.65 -10.97
N THR B 62 13.68 32.39 -11.34
CA THR B 62 12.40 31.71 -11.61
C THR B 62 12.25 30.54 -10.64
N ALA B 63 11.22 30.57 -9.79
CA ALA B 63 10.89 29.53 -8.82
C ALA B 63 9.56 28.89 -9.23
N THR B 64 9.57 27.59 -9.49
CA THR B 64 8.36 26.84 -9.93
C THR B 64 8.20 25.61 -9.04
N THR B 65 7.02 25.43 -8.48
CA THR B 65 6.71 24.25 -7.63
C THR B 65 5.40 23.64 -8.09
N THR B 66 5.34 22.32 -8.08
CA THR B 66 4.11 21.53 -8.32
C THR B 66 4.07 20.44 -7.27
N ALA B 67 3.02 20.43 -6.45
CA ALA B 67 2.85 19.41 -5.41
C ALA B 67 1.51 18.74 -5.66
N THR B 68 1.50 17.41 -5.65
CA THR B 68 0.28 16.61 -5.84
C THR B 68 0.16 15.62 -4.69
N SER B 69 -1.01 15.59 -4.06
CA SER B 69 -1.36 14.64 -2.99
C SER B 69 -0.40 14.86 -1.81
N ASN B 70 0.04 13.79 -1.16
CA ASN B 70 0.80 13.87 0.11
C ASN B 70 2.23 14.33 -0.24
N ALA B 71 2.45 15.63 -0.40
CA ALA B 71 3.69 16.15 -1.03
C ALA B 71 3.93 17.61 -0.67
N ALA B 72 5.20 17.97 -0.52
CA ALA B 72 5.67 19.36 -0.36
C ALA B 72 6.74 19.62 -1.41
N ALA B 73 6.57 20.67 -2.21
CA ALA B 73 7.58 21.13 -3.18
C ALA B 73 7.89 22.59 -2.86
N THR B 74 9.18 22.88 -2.70
CA THR B 74 9.72 24.22 -2.39
C THR B 74 10.80 24.58 -3.40
N SER B 75 10.65 25.73 -4.05
CA SER B 75 11.67 26.28 -4.96
C SER B 75 12.06 27.68 -4.47
N ASN B 76 13.37 27.88 -4.32
CA ASN B 76 13.97 29.15 -3.86
C ASN B 76 14.92 29.60 -4.97
N ALA B 77 14.54 30.62 -5.71
CA ALA B 77 15.42 31.22 -6.75
C ALA B 77 15.94 32.53 -6.18
N ILE B 78 17.12 32.49 -5.58
CA ILE B 78 17.67 33.64 -4.82
C ILE B 78 18.59 34.43 -5.74
N GLY B 79 18.07 35.56 -6.23
CA GLY B 79 18.81 36.51 -7.06
C GLY B 79 18.85 36.11 -8.52
N GLN B 80 18.81 34.80 -8.83
CA GLN B 80 19.04 34.32 -10.22
C GLN B 80 18.70 32.84 -10.33
N GLY B 81 18.69 32.33 -11.56
CA GLY B 81 18.59 30.90 -11.84
C GLY B 81 17.15 30.41 -11.85
N THR B 82 16.99 29.14 -12.23
CA THR B 82 15.69 28.47 -12.34
C THR B 82 15.67 27.32 -11.35
N ALA B 83 14.83 27.46 -10.32
CA ALA B 83 14.63 26.44 -9.28
C ALA B 83 13.26 25.80 -9.54
N THR B 84 13.25 24.53 -9.87
CA THR B 84 12.01 23.79 -10.21
C THR B 84 11.90 22.57 -9.32
N SER B 85 10.75 22.37 -8.70
CA SER B 85 10.53 21.19 -7.84
C SER B 85 9.15 20.63 -8.12
N THR B 86 9.08 19.32 -8.34
CA THR B 86 7.83 18.57 -8.60
C THR B 86 7.79 17.39 -7.63
N ALA B 87 6.73 17.28 -6.85
CA ALA B 87 6.60 16.24 -5.81
C ALA B 87 5.19 15.67 -5.89
N THR B 88 5.11 14.35 -5.91
CA THR B 88 3.84 13.59 -5.96
C THR B 88 3.92 12.49 -4.93
N GLY B 89 2.97 12.48 -4.00
CA GLY B 89 2.88 11.43 -2.97
C GLY B 89 1.57 10.69 -3.06
N THR B 90 1.35 9.81 -2.10
CA THR B 90 0.10 9.07 -1.92
C THR B 90 -0.14 8.93 -0.42
N ALA B 91 -1.29 8.39 -0.04
CA ALA B 91 -1.63 8.15 1.37
C ALA B 91 -0.50 7.28 1.94
N ALA B 92 0.12 7.74 3.03
CA ALA B 92 1.14 6.96 3.78
C ALA B 92 2.53 7.07 3.15
N ALA B 93 2.71 7.85 2.08
CA ALA B 93 4.02 7.99 1.41
C ALA B 93 4.16 9.42 0.90
N ARG B 94 4.98 10.21 1.58
CA ARG B 94 5.02 11.64 1.34
C ARG B 94 6.24 11.95 0.49
N ALA B 95 6.07 12.78 -0.50
CA ALA B 95 7.13 13.17 -1.44
C ALA B 95 7.56 14.59 -1.07
N ILE B 96 8.87 14.78 -0.87
CA ILE B 96 9.39 16.10 -0.42
C ILE B 96 10.50 16.53 -1.37
N GLY B 97 10.24 17.63 -2.07
CA GLY B 97 11.15 18.19 -3.09
C GLY B 97 11.61 19.56 -2.66
N SER B 98 12.90 19.84 -2.82
CA SER B 98 13.47 21.18 -2.54
C SER B 98 14.47 21.54 -3.63
N SER B 99 14.28 22.66 -4.29
CA SER B 99 15.24 23.18 -5.30
C SER B 99 15.62 24.61 -4.92
N THR B 100 16.91 24.90 -4.91
CA THR B 100 17.42 26.26 -4.63
C THR B 100 18.46 26.67 -5.67
N THR B 101 18.33 27.87 -6.21
CA THR B 101 19.42 28.51 -7.00
C THR B 101 19.91 29.72 -6.24
N SER B 102 21.22 29.94 -6.31
CA SER B 102 21.94 31.06 -5.67
C SER B 102 23.29 31.21 -6.36
N ALA B 103 23.70 32.45 -6.64
CA ALA B 103 25.06 32.79 -7.14
C ALA B 103 26.14 32.17 -6.24
N SER B 104 25.84 31.95 -4.95
CA SER B 104 26.86 31.50 -3.96
C SER B 104 26.98 29.97 -3.94
N ALA B 105 26.10 29.23 -4.63
CA ALA B 105 26.18 27.76 -4.75
C ALA B 105 27.48 27.34 -5.47
N THR B 106 27.82 26.06 -5.42
CA THR B 106 29.09 25.45 -5.91
C THR B 106 28.99 24.98 -7.37
N GLU B 107 27.83 24.49 -7.78
CA GLU B 107 27.66 23.78 -9.07
C GLU B 107 26.69 24.53 -9.97
N PRO B 108 27.02 24.75 -11.26
CA PRO B 108 26.11 25.39 -12.19
C PRO B 108 24.72 24.74 -12.21
N THR B 109 24.71 23.41 -12.27
CA THR B 109 23.48 22.60 -12.43
C THR B 109 23.45 21.51 -11.37
N GLN B 110 22.27 21.25 -10.83
CA GLN B 110 22.02 20.05 -10.00
C GLN B 110 20.63 19.52 -10.34
N THR B 111 20.55 18.24 -10.66
CA THR B 111 19.30 17.56 -11.04
C THR B 111 19.17 16.30 -10.19
N LYS B 112 18.01 16.12 -9.57
CA LYS B 112 17.72 14.91 -8.79
C LYS B 112 16.35 14.40 -9.17
N THR B 113 16.27 13.13 -9.58
CA THR B 113 15.01 12.41 -9.86
C THR B 113 14.96 11.20 -8.94
N VAL B 114 13.87 11.06 -8.19
CA VAL B 114 13.75 10.01 -7.15
C VAL B 114 12.34 9.44 -7.24
N SER B 115 12.25 8.12 -7.16
CA SER B 115 10.97 7.39 -7.17
C SER B 115 11.12 6.12 -6.33
N GLY B 116 10.19 5.86 -5.41
CA GLY B 116 10.17 4.59 -4.69
C GLY B 116 9.00 4.51 -3.71
N PRO B 117 8.80 3.34 -3.08
CA PRO B 117 7.73 3.17 -2.09
C PRO B 117 8.09 3.88 -0.78
N GLY B 118 7.07 4.38 -0.08
CA GLY B 118 7.23 5.13 1.18
C GLY B 118 7.78 6.53 0.94
N ALA B 119 8.07 7.26 2.01
CA ALA B 119 8.54 8.67 1.95
C ALA B 119 9.77 8.77 1.03
N GLN B 120 9.81 9.80 0.20
CA GLN B 120 10.95 10.07 -0.71
C GLN B 120 11.28 11.54 -0.63
N THR B 121 12.57 11.84 -0.74
CA THR B 121 13.09 13.23 -0.71
C THR B 121 14.03 13.43 -1.88
N ALA B 122 14.02 14.63 -2.44
CA ALA B 122 15.07 15.08 -3.37
C ALA B 122 15.35 16.56 -3.14
N THR B 123 16.63 16.88 -3.04
CA THR B 123 17.12 18.25 -2.78
C THR B 123 18.16 18.58 -3.84
N ALA B 124 18.07 19.77 -4.44
CA ALA B 124 19.06 20.28 -5.40
C ALA B 124 19.39 21.73 -5.03
N ILE B 125 20.66 22.07 -5.11
CA ILE B 125 21.20 23.45 -4.93
C ILE B 125 22.16 23.71 -6.08
N ALA B 126 22.03 24.85 -6.75
CA ALA B 126 22.84 25.17 -7.94
C ALA B 126 22.94 26.67 -8.15
N ILE B 127 23.88 27.06 -9.02
CA ILE B 127 24.10 28.48 -9.41
C ILE B 127 23.02 28.88 -10.42
N ASP B 128 22.74 28.03 -11.40
CA ASP B 128 21.90 28.38 -12.58
C ASP B 128 20.59 27.58 -12.58
N THR B 129 20.67 26.27 -12.38
CA THR B 129 19.52 25.37 -12.59
C THR B 129 19.53 24.28 -11.52
N ALA B 130 18.52 24.32 -10.66
CA ALA B 130 18.28 23.29 -9.64
C ALA B 130 16.91 22.67 -9.93
N THR B 131 16.88 21.37 -10.16
CA THR B 131 15.65 20.65 -10.53
C THR B 131 15.51 19.38 -9.69
N THR B 132 14.36 19.23 -9.06
CA THR B 132 14.01 18.01 -8.30
C THR B 132 12.67 17.49 -8.83
N THR B 133 12.58 16.17 -8.99
CA THR B 133 11.36 15.42 -9.28
C THR B 133 11.30 14.23 -8.33
N VAL B 134 10.23 14.14 -7.55
CA VAL B 134 10.14 13.13 -6.47
C VAL B 134 8.76 12.49 -6.55
N THR B 135 8.73 11.17 -6.51
CA THR B 135 7.50 10.38 -6.49
C THR B 135 7.61 9.38 -5.35
N ALA B 136 6.63 9.38 -4.45
CA ALA B 136 6.52 8.41 -3.36
C ALA B 136 5.24 7.60 -3.58
N SER B 137 5.39 6.28 -3.61
CA SER B 137 4.33 5.30 -3.98
C SER B 137 4.00 4.45 -2.76
N LEU B 138 2.98 3.60 -2.89
CA LEU B 138 2.58 2.59 -1.87
C LEU B 138 3.56 1.42 -1.91
N MET C 1 28.32 13.97 1.28
CA MET C 1 26.99 14.49 1.68
C MET C 1 26.34 13.48 2.62
N TYR C 2 25.72 13.98 3.68
CA TYR C 2 24.86 13.18 4.57
C TYR C 2 23.41 13.45 4.18
N SER C 3 22.58 12.44 4.32
CA SER C 3 21.12 12.60 4.27
C SER C 3 20.52 11.83 5.45
N CYS C 4 19.44 12.33 5.98
CA CYS C 4 18.79 11.72 7.16
C CYS C 4 17.29 11.84 6.97
N ARG C 5 16.57 10.87 7.52
CA ARG C 5 15.10 10.88 7.42
C ARG C 5 14.48 10.03 8.52
N ALA C 6 13.44 10.56 9.13
CA ALA C 6 12.69 9.91 10.23
C ALA C 6 11.21 10.03 9.90
N VAL C 7 10.52 8.90 9.85
CA VAL C 7 9.07 8.83 9.57
C VAL C 7 8.38 8.34 10.84
N GLY C 8 7.49 9.17 11.39
CA GLY C 8 6.70 8.84 12.59
C GLY C 8 5.70 7.75 12.31
N VAL C 9 5.51 6.81 13.25
CA VAL C 9 4.65 5.61 13.08
C VAL C 9 3.60 5.61 14.21
N ASP C 10 3.99 5.47 15.49
CA ASP C 10 3.05 5.48 16.64
C ASP C 10 3.36 6.74 17.43
N ALA C 11 2.83 6.86 18.66
CA ALA C 11 3.17 7.92 19.66
C ALA C 11 4.68 7.96 19.94
N SER C 12 5.39 6.88 19.62
CA SER C 12 6.84 6.72 19.74
C SER C 12 7.59 7.71 18.85
N THR C 13 8.86 7.94 19.18
CA THR C 13 9.76 8.86 18.46
C THR C 13 10.79 8.07 17.66
N VAL C 14 11.01 8.48 16.43
CA VAL C 14 11.97 7.86 15.50
C VAL C 14 13.07 8.86 15.23
N THR C 15 14.30 8.42 15.37
CA THR C 15 15.50 9.26 15.20
C THR C 15 16.37 8.64 14.12
N ASP C 16 16.88 9.49 13.25
CA ASP C 16 17.90 9.12 12.24
C ASP C 16 18.97 10.20 12.26
N VAL C 17 20.18 9.80 12.63
CA VAL C 17 21.38 10.68 12.60
C VAL C 17 22.40 10.08 11.64
N GLN C 18 22.84 10.88 10.69
CA GLN C 18 23.94 10.53 9.76
C GLN C 18 24.88 11.73 9.72
N GLY C 19 26.07 11.58 10.28
CA GLY C 19 27.03 12.69 10.37
C GLY C 19 26.37 13.91 10.98
N THR C 20 26.34 15.03 10.26
CA THR C 20 25.84 16.34 10.76
C THR C 20 24.35 16.50 10.45
N CYS C 21 23.67 15.43 10.07
CA CYS C 21 22.24 15.42 9.67
C CYS C 21 21.44 14.73 10.77
N HIS C 22 20.53 15.45 11.44
CA HIS C 22 19.71 14.92 12.56
C HIS C 22 18.24 15.07 12.24
N ALA C 23 17.52 13.95 12.15
CA ALA C 23 16.08 13.91 11.87
C ALA C 23 15.36 13.21 13.03
N LYS C 24 14.25 13.79 13.45
CA LYS C 24 13.44 13.21 14.53
C LYS C 24 11.96 13.42 14.20
N ALA C 25 11.19 12.35 14.27
CA ALA C 25 9.75 12.37 13.96
C ALA C 25 8.99 11.61 15.04
N THR C 26 7.87 12.17 15.46
CA THR C 26 6.98 11.54 16.48
C THR C 26 5.55 11.54 15.96
N GLY C 27 4.91 10.39 16.00
CA GLY C 27 3.48 10.26 15.66
C GLY C 27 3.28 9.95 14.18
N PRO C 28 2.13 9.32 13.85
CA PRO C 28 1.85 8.95 12.47
C PRO C 28 1.62 10.23 11.66
N GLY C 29 2.12 10.26 10.42
CA GLY C 29 2.02 11.41 9.50
C GLY C 29 3.04 12.50 9.81
N ALA C 30 4.07 12.22 10.63
CA ALA C 30 5.19 13.14 10.90
C ALA C 30 6.42 12.69 10.09
N VAL C 31 7.04 13.62 9.37
CA VAL C 31 8.25 13.31 8.57
C VAL C 31 9.26 14.43 8.75
N ALA C 32 10.47 14.06 9.11
CA ALA C 32 11.63 14.95 9.22
C ALA C 32 12.72 14.42 8.29
N SER C 33 13.32 15.29 7.49
CA SER C 33 14.44 14.90 6.62
C SER C 33 15.43 16.05 6.48
N GLY C 34 16.62 15.71 6.03
CA GLY C 34 17.65 16.72 5.77
C GLY C 34 18.78 16.18 4.95
N THR C 35 19.57 17.10 4.45
CA THR C 35 20.89 16.83 3.85
C THR C 35 21.85 17.84 4.45
N SER C 36 23.11 17.44 4.56
CA SER C 36 24.14 18.27 5.18
C SER C 36 25.48 17.76 4.71
N VAL C 37 26.53 18.50 5.06
CA VAL C 37 27.93 18.11 4.75
C VAL C 37 28.74 18.25 6.03
N ASP C 38 29.99 17.78 6.00
CA ASP C 38 30.99 18.06 7.05
C ASP C 38 31.14 19.58 7.05
N GLY C 39 30.91 20.23 8.18
CA GLY C 39 31.07 21.70 8.27
C GLY C 39 29.72 22.38 8.35
N SER C 40 28.66 21.69 7.94
CA SER C 40 27.28 22.22 8.01
C SER C 40 26.53 21.38 9.03
N THR C 41 25.34 21.81 9.40
CA THR C 41 24.46 21.07 10.32
C THR C 41 23.02 21.21 9.83
N SER C 42 22.32 20.09 9.78
CA SER C 42 20.88 20.06 9.49
C SER C 42 20.18 19.32 10.63
N THR C 43 19.18 19.96 11.20
CA THR C 43 18.35 19.40 12.30
C THR C 43 16.90 19.59 11.90
N ALA C 44 16.15 18.50 11.88
CA ALA C 44 14.73 18.54 11.47
C ALA C 44 13.93 17.73 12.48
N THR C 45 12.87 18.33 13.00
CA THR C 45 11.99 17.72 14.02
C THR C 45 10.53 17.89 13.58
N ALA C 46 9.78 16.80 13.55
CA ALA C 46 8.36 16.81 13.16
C ALA C 46 7.57 16.06 14.24
N THR C 47 6.43 16.62 14.62
CA THR C 47 5.51 16.00 15.60
C THR C 47 4.09 16.06 15.05
N GLY C 48 3.43 14.91 15.00
CA GLY C 48 1.98 14.81 14.76
C GLY C 48 1.62 14.76 13.29
N SER C 49 0.34 14.51 13.04
CA SER C 49 -0.20 14.22 11.69
C SER C 49 -0.07 15.46 10.80
N GLY C 50 0.57 15.30 9.64
CA GLY C 50 0.71 16.34 8.60
C GLY C 50 1.93 17.22 8.82
N ALA C 51 2.81 16.85 9.75
CA ALA C 51 4.01 17.65 10.07
C ALA C 51 5.17 17.24 9.17
N THR C 52 5.74 18.20 8.47
CA THR C 52 6.89 18.01 7.56
C THR C 52 7.98 19.03 7.88
N ALA C 53 9.15 18.55 8.25
CA ALA C 53 10.33 19.39 8.56
C ALA C 53 11.47 18.98 7.66
N THR C 54 11.98 19.91 6.86
CA THR C 54 13.06 19.64 5.90
C THR C 54 14.20 20.64 6.10
N SER C 55 15.38 20.14 6.44
CA SER C 55 16.58 20.97 6.71
C SER C 55 17.67 20.64 5.69
N THR C 56 18.07 21.62 4.90
CA THR C 56 19.08 21.50 3.84
C THR C 56 20.23 22.46 4.13
N SER C 57 21.45 21.95 4.27
CA SER C 57 22.61 22.83 4.54
C SER C 57 23.81 22.40 3.71
N THR C 58 24.60 23.39 3.30
CA THR C 58 25.91 23.22 2.64
C THR C 58 26.92 24.21 3.26
N GLY C 59 28.19 24.04 2.93
CA GLY C 59 29.29 24.89 3.42
C GLY C 59 29.32 24.89 4.94
N THR C 60 29.14 26.05 5.58
CA THR C 60 29.13 26.19 7.07
C THR C 60 27.72 26.55 7.56
N GLY C 61 26.70 26.32 6.74
CA GLY C 61 25.31 26.65 7.07
C GLY C 61 24.77 25.78 8.18
N THR C 62 23.84 26.33 8.93
CA THR C 62 22.99 25.60 9.92
C THR C 62 21.53 25.75 9.48
N ALA C 63 20.89 24.63 9.20
CA ALA C 63 19.46 24.57 8.83
C ALA C 63 18.72 23.81 9.93
N THR C 64 17.74 24.47 10.56
CA THR C 64 16.96 23.93 11.69
C THR C 64 15.48 24.09 11.36
N THR C 65 14.72 23.01 11.46
CA THR C 65 13.26 23.03 11.21
C THR C 65 12.55 22.31 12.34
N THR C 66 11.40 22.83 12.74
CA THR C 66 10.48 22.21 13.70
C THR C 66 9.07 22.34 13.14
N ALA C 67 8.38 21.24 12.94
CA ALA C 67 6.99 21.25 12.44
C ALA C 67 6.12 20.49 13.43
N THR C 68 4.96 21.04 13.76
CA THR C 68 3.97 20.41 14.66
C THR C 68 2.60 20.43 14.00
N SER C 69 1.94 19.27 13.97
CA SER C 69 0.58 19.10 13.41
C SER C 69 0.57 19.52 11.93
N ASN C 70 -0.47 20.19 11.46
CA ASN C 70 -0.68 20.46 10.01
C ASN C 70 0.29 21.58 9.62
N ALA C 71 1.54 21.25 9.31
CA ALA C 71 2.61 22.27 9.20
C ALA C 71 3.78 21.75 8.35
N ALA C 72 4.37 22.64 7.57
CA ALA C 72 5.64 22.40 6.86
C ALA C 72 6.62 23.51 7.23
N ALA C 73 7.79 23.10 7.69
CA ALA C 73 8.91 24.01 7.99
C ALA C 73 10.11 23.57 7.16
N THR C 74 10.67 24.49 6.40
CA THR C 74 11.79 24.25 5.46
C THR C 74 12.86 25.29 5.73
N SER C 75 14.08 24.83 5.95
CA SER C 75 15.27 25.70 6.15
C SER C 75 16.32 25.28 5.13
N ASN C 76 16.82 26.28 4.39
CA ASN C 76 17.85 26.12 3.33
C ASN C 76 19.02 27.02 3.74
N ALA C 77 20.10 26.44 4.25
CA ALA C 77 21.31 27.21 4.62
C ALA C 77 22.34 26.95 3.53
N ILE C 78 22.41 27.84 2.55
CA ILE C 78 23.22 27.64 1.33
C ILE C 78 24.58 28.27 1.57
N GLY C 79 25.58 27.43 1.85
CA GLY C 79 26.99 27.84 1.97
C GLY C 79 27.32 28.41 3.33
N GLN C 80 26.35 29.04 4.01
CA GLN C 80 26.63 29.79 5.27
C GLN C 80 25.32 30.19 5.93
N GLY C 81 25.43 30.72 7.16
CA GLY C 81 24.31 31.33 7.86
C GLY C 81 23.46 30.31 8.60
N THR C 82 22.51 30.80 9.36
CA THR C 82 21.59 30.01 10.20
C THR C 82 20.17 30.26 9.67
N ALA C 83 19.59 29.23 9.06
CA ALA C 83 18.20 29.23 8.57
C ALA C 83 17.36 28.42 9.55
N THR C 84 16.42 29.06 10.24
CA THR C 84 15.59 28.42 11.28
C THR C 84 14.13 28.63 10.91
N SER C 85 13.34 27.59 10.94
CA SER C 85 11.89 27.66 10.61
C SER C 85 11.14 26.80 11.63
N THR C 86 10.10 27.36 12.22
CA THR C 86 9.20 26.69 13.19
C THR C 86 7.76 26.90 12.71
N ALA C 87 7.00 25.84 12.55
CA ALA C 87 5.62 25.90 12.04
C ALA C 87 4.72 25.00 12.87
N THR C 88 3.58 25.52 13.29
CA THR C 88 2.55 24.80 14.07
C THR C 88 1.19 25.07 13.46
N GLY C 89 0.48 24.02 13.05
CA GLY C 89 -0.86 24.14 12.47
C GLY C 89 -1.89 23.38 13.27
N THR C 90 -3.09 23.32 12.72
CA THR C 90 -4.23 22.55 13.29
C THR C 90 -4.95 21.93 12.11
N ALA C 91 -5.88 21.02 12.37
CA ALA C 91 -6.74 20.46 11.33
C ALA C 91 -7.42 21.63 10.62
N ALA C 92 -7.28 21.70 9.30
CA ALA C 92 -7.96 22.69 8.44
C ALA C 92 -7.22 24.04 8.41
N ALA C 93 -6.08 24.18 9.07
CA ALA C 93 -5.29 25.42 9.00
C ALA C 93 -3.79 25.08 9.02
N ARG C 94 -3.17 25.18 7.86
CA ARG C 94 -1.78 24.71 7.65
C ARG C 94 -0.85 25.90 7.89
N ALA C 95 0.23 25.65 8.62
CA ALA C 95 1.28 26.65 8.88
C ALA C 95 2.47 26.33 8.01
N ILE C 96 2.93 27.27 7.21
CA ILE C 96 4.03 27.04 6.25
C ILE C 96 5.13 28.08 6.49
N GLY C 97 6.29 27.59 6.87
CA GLY C 97 7.48 28.40 7.15
C GLY C 97 8.59 28.03 6.18
N SER C 98 9.29 29.03 5.67
CA SER C 98 10.48 28.82 4.81
C SER C 98 11.57 29.83 5.19
N SER C 99 12.75 29.35 5.54
CA SER C 99 13.91 30.21 5.85
C SER C 99 15.07 29.83 4.94
N THR C 100 15.67 30.82 4.31
CA THR C 100 16.86 30.60 3.45
C THR C 100 17.97 31.57 3.82
N THR C 101 19.19 31.06 4.00
CA THR C 101 20.40 31.90 4.06
C THR C 101 21.25 31.62 2.84
N SER C 102 21.88 32.68 2.33
CA SER C 102 22.76 32.65 1.15
C SER C 102 23.63 33.91 1.17
N ALA C 103 24.91 33.78 0.87
CA ALA C 103 25.84 34.93 0.67
C ALA C 103 25.27 35.91 -0.34
N SER C 104 24.44 35.45 -1.28
CA SER C 104 23.93 36.29 -2.40
C SER C 104 22.65 37.06 -1.99
N ALA C 105 22.06 36.79 -0.81
CA ALA C 105 20.90 37.54 -0.30
C ALA C 105 21.28 39.00 -0.06
N THR C 106 20.31 39.88 0.15
CA THR C 106 20.52 41.36 0.29
C THR C 106 20.61 41.81 1.74
N GLU C 107 19.98 41.10 2.69
CA GLU C 107 19.89 41.57 4.10
C GLU C 107 20.60 40.62 5.05
N PRO C 108 21.45 41.13 5.97
CA PRO C 108 22.16 40.27 6.92
C PRO C 108 21.19 39.38 7.72
N THR C 109 20.11 39.95 8.22
CA THR C 109 19.17 39.24 9.13
C THR C 109 17.74 39.50 8.67
N GLN C 110 16.91 38.47 8.72
CA GLN C 110 15.45 38.61 8.47
C GLN C 110 14.73 37.69 9.46
N THR C 111 13.84 38.25 10.27
CA THR C 111 13.11 37.52 11.33
C THR C 111 11.63 37.80 11.16
N LYS C 112 10.83 36.76 11.07
CA LYS C 112 9.39 36.87 10.79
C LYS C 112 8.64 35.97 11.76
N THR C 113 7.64 36.54 12.42
CA THR C 113 6.65 35.81 13.25
C THR C 113 5.28 36.05 12.66
N VAL C 114 4.57 34.97 12.37
CA VAL C 114 3.25 35.05 11.68
C VAL C 114 2.29 34.11 12.40
N SER C 115 1.09 34.61 12.66
CA SER C 115 0.03 33.79 13.28
C SER C 115 -1.33 34.33 12.89
N GLY C 116 -2.31 33.45 13.08
CA GLY C 116 -3.72 33.81 12.83
C GLY C 116 -4.57 32.60 12.46
N PRO C 117 -5.88 32.83 12.30
CA PRO C 117 -6.80 31.78 11.89
C PRO C 117 -6.61 31.46 10.39
N GLY C 118 -6.83 30.20 10.03
CA GLY C 118 -6.65 29.68 8.66
C GLY C 118 -5.18 29.53 8.31
N ALA C 119 -4.90 29.16 7.06
CA ALA C 119 -3.53 28.95 6.56
C ALA C 119 -2.68 30.19 6.84
N GLN C 120 -1.44 29.98 7.24
CA GLN C 120 -0.47 31.08 7.49
C GLN C 120 0.85 30.69 6.82
N THR C 121 1.51 31.67 6.23
CA THR C 121 2.80 31.49 5.53
C THR C 121 3.78 32.57 5.99
N ALA C 122 5.05 32.19 6.11
CA ALA C 122 6.15 33.14 6.34
C ALA C 122 7.40 32.64 5.60
N THR C 123 8.04 33.54 4.88
CA THR C 123 9.33 33.26 4.22
C THR C 123 10.32 34.34 4.65
N ALA C 124 11.54 33.92 4.97
CA ALA C 124 12.66 34.81 5.29
C ALA C 124 13.86 34.41 4.44
N ILE C 125 14.55 35.43 3.91
CA ILE C 125 15.79 35.26 3.12
C ILE C 125 16.84 36.22 3.68
N ALA C 126 18.04 35.73 3.98
CA ALA C 126 19.09 36.56 4.59
C ALA C 126 20.48 36.02 4.27
N ILE C 127 21.47 36.86 4.54
CA ILE C 127 22.90 36.52 4.35
C ILE C 127 23.36 35.66 5.53
N ASP C 128 22.98 36.02 6.75
CA ASP C 128 23.54 35.43 8.00
C ASP C 128 22.46 34.67 8.76
N THR C 129 21.29 35.26 8.96
CA THR C 129 20.25 34.71 9.87
C THR C 129 18.88 34.93 9.26
N ALA C 130 18.23 33.84 8.88
CA ALA C 130 16.83 33.85 8.40
C ALA C 130 16.00 33.00 9.38
N THR C 131 14.99 33.59 9.99
CA THR C 131 14.16 32.93 11.01
C THR C 131 12.69 33.18 10.69
N THR C 132 11.91 32.10 10.65
CA THR C 132 10.45 32.14 10.48
C THR C 132 9.84 31.33 11.63
N THR C 133 8.78 31.87 12.22
CA THR C 133 7.90 31.19 13.21
C THR C 133 6.47 31.43 12.76
N VAL C 134 5.73 30.37 12.52
CA VAL C 134 4.37 30.49 11.95
C VAL C 134 3.43 29.58 12.74
N THR C 135 2.27 30.12 13.09
CA THR C 135 1.19 29.43 13.81
C THR C 135 -0.11 29.69 13.06
N ALA C 136 -0.82 28.62 12.71
CA ALA C 136 -2.17 28.67 12.10
C ALA C 136 -3.14 28.01 13.06
N SER C 137 -4.24 28.70 13.35
CA SER C 137 -5.30 28.28 14.31
C SER C 137 -6.61 28.15 13.53
N LEU C 138 -7.66 27.73 14.21
CA LEU C 138 -9.04 27.75 13.65
C LEU C 138 -9.61 29.16 13.83
N TYR D 2 -13.76 -4.49 9.91
CA TYR D 2 -14.90 -5.07 9.13
C TYR D 2 -15.16 -6.48 9.61
N SER D 3 -16.42 -6.90 9.57
CA SER D 3 -16.79 -8.32 9.74
C SER D 3 -17.82 -8.67 8.68
N CYS D 4 -17.81 -9.91 8.23
CA CYS D 4 -18.72 -10.36 7.17
C CYS D 4 -19.14 -11.78 7.49
N ARG D 5 -20.35 -12.13 7.08
CA ARG D 5 -20.86 -13.49 7.29
C ARG D 5 -21.96 -13.81 6.29
N ALA D 6 -21.93 -15.02 5.75
CA ALA D 6 -22.92 -15.54 4.79
C ALA D 6 -23.32 -16.94 5.25
N VAL D 7 -24.61 -17.18 5.43
CA VAL D 7 -25.14 -18.50 5.86
C VAL D 7 -25.99 -19.06 4.72
N GLY D 8 -25.59 -20.20 4.18
CA GLY D 8 -26.27 -20.90 3.08
C GLY D 8 -27.61 -21.46 3.51
N VAL D 9 -28.52 -21.48 2.55
CA VAL D 9 -29.93 -21.96 2.67
C VAL D 9 -30.08 -23.07 1.62
N ASP D 10 -31.20 -23.79 1.56
CA ASP D 10 -31.31 -24.93 0.60
C ASP D 10 -31.13 -24.42 -0.84
N ALA D 11 -30.18 -25.00 -1.59
CA ALA D 11 -29.86 -24.74 -3.01
C ALA D 11 -29.63 -23.24 -3.28
N SER D 12 -29.26 -22.46 -2.25
CA SER D 12 -29.38 -20.97 -2.25
C SER D 12 -28.09 -20.28 -1.85
N THR D 13 -27.77 -19.15 -2.48
CA THR D 13 -26.45 -18.48 -2.33
C THR D 13 -26.62 -17.17 -1.57
N VAL D 14 -25.77 -16.94 -0.57
CA VAL D 14 -25.75 -15.70 0.22
C VAL D 14 -24.37 -15.06 0.05
N THR D 15 -24.34 -13.77 -0.20
CA THR D 15 -23.07 -13.00 -0.24
C THR D 15 -23.15 -11.86 0.77
N ASP D 16 -22.07 -11.65 1.51
CA ASP D 16 -21.91 -10.48 2.40
C ASP D 16 -20.53 -9.90 2.20
N VAL D 17 -20.47 -8.65 1.74
CA VAL D 17 -19.20 -7.89 1.59
C VAL D 17 -19.27 -6.65 2.45
N GLN D 18 -18.29 -6.48 3.32
CA GLN D 18 -18.16 -5.27 4.18
C GLN D 18 -16.69 -4.84 4.08
N GLY D 19 -16.44 -3.71 3.43
CA GLY D 19 -15.07 -3.23 3.19
C GLY D 19 -14.25 -4.35 2.57
N THR D 20 -13.16 -4.74 3.22
CA THR D 20 -12.17 -5.72 2.70
C THR D 20 -12.52 -7.15 3.14
N CYS D 21 -13.73 -7.36 3.65
CA CYS D 21 -14.22 -8.66 4.16
C CYS D 21 -15.25 -9.21 3.17
N HIS D 22 -14.97 -10.35 2.55
CA HIS D 22 -15.87 -10.98 1.54
C HIS D 22 -16.26 -12.39 1.98
N ALA D 23 -17.56 -12.62 2.19
CA ALA D 23 -18.10 -13.94 2.58
C ALA D 23 -19.12 -14.40 1.54
N LYS D 24 -19.03 -15.66 1.15
CA LYS D 24 -20.01 -16.24 0.22
C LYS D 24 -20.29 -17.68 0.65
N ALA D 25 -21.57 -18.01 0.76
CA ALA D 25 -22.02 -19.36 1.16
C ALA D 25 -23.10 -19.81 0.20
N THR D 26 -23.01 -21.07 -0.25
CA THR D 26 -24.01 -21.71 -1.11
C THR D 26 -24.46 -23.03 -0.48
N GLY D 27 -25.76 -23.27 -0.46
CA GLY D 27 -26.32 -24.61 -0.28
C GLY D 27 -26.63 -24.78 1.20
N PRO D 28 -27.30 -25.89 1.56
CA PRO D 28 -27.68 -26.09 2.96
C PRO D 28 -26.39 -26.37 3.75
N GLY D 29 -26.31 -25.82 4.97
CA GLY D 29 -25.27 -26.12 5.97
C GLY D 29 -23.92 -25.51 5.64
N ALA D 30 -23.89 -24.44 4.83
CA ALA D 30 -22.66 -23.73 4.44
C ALA D 30 -22.55 -22.41 5.21
N VAL D 31 -21.41 -22.15 5.83
CA VAL D 31 -21.17 -20.86 6.53
C VAL D 31 -19.80 -20.33 6.15
N ALA D 32 -19.77 -19.07 5.72
CA ALA D 32 -18.53 -18.33 5.47
C ALA D 32 -18.55 -17.08 6.34
N SER D 33 -17.44 -16.78 7.01
CA SER D 33 -17.32 -15.56 7.82
C SER D 33 -15.89 -15.05 7.83
N GLY D 34 -15.73 -13.80 8.24
CA GLY D 34 -14.40 -13.21 8.37
C GLY D 34 -14.41 -11.91 9.12
N THR D 35 -13.23 -11.46 9.49
CA THR D 35 -12.96 -10.10 9.98
C THR D 35 -11.73 -9.60 9.25
N SER D 36 -11.65 -8.30 9.04
CA SER D 36 -10.53 -7.68 8.29
C SER D 36 -10.46 -6.22 8.67
N VAL D 37 -9.42 -5.54 8.20
CA VAL D 37 -9.24 -4.09 8.41
C VAL D 37 -8.92 -3.46 7.04
N ASP D 38 -8.89 -2.14 7.02
CA ASP D 38 -8.38 -1.37 5.85
C ASP D 38 -6.91 -1.78 5.74
N GLY D 39 -6.47 -2.31 4.61
CA GLY D 39 -5.07 -2.72 4.43
C GLY D 39 -4.92 -4.23 4.46
N SER D 40 -5.91 -4.92 4.99
CA SER D 40 -5.94 -6.41 5.01
C SER D 40 -7.07 -6.85 4.08
N THR D 41 -7.12 -8.14 3.79
CA THR D 41 -8.21 -8.75 2.99
C THR D 41 -8.58 -10.09 3.60
N SER D 42 -9.87 -10.31 3.78
CA SER D 42 -10.41 -11.63 4.18
C SER D 42 -11.43 -12.06 3.15
N THR D 43 -11.24 -13.25 2.59
CA THR D 43 -12.16 -13.86 1.60
C THR D 43 -12.49 -15.27 2.10
N ALA D 44 -13.77 -15.55 2.26
CA ALA D 44 -14.24 -16.85 2.77
C ALA D 44 -15.36 -17.35 1.86
N THR D 45 -15.23 -18.59 1.40
CA THR D 45 -16.20 -19.22 0.47
C THR D 45 -16.52 -20.62 0.98
N ALA D 46 -17.80 -20.90 1.16
CA ALA D 46 -18.28 -22.20 1.67
C ALA D 46 -19.36 -22.70 0.71
N THR D 47 -19.28 -23.97 0.34
CA THR D 47 -20.28 -24.62 -0.52
C THR D 47 -20.67 -25.96 0.07
N GLY D 48 -21.96 -26.18 0.26
CA GLY D 48 -22.54 -27.49 0.56
C GLY D 48 -22.58 -27.77 2.06
N SER D 49 -23.23 -28.87 2.40
CA SER D 49 -23.59 -29.25 3.78
C SER D 49 -22.32 -29.51 4.59
N GLY D 50 -22.16 -28.81 5.71
CA GLY D 50 -21.05 -29.02 6.66
C GLY D 50 -19.83 -28.19 6.32
N ALA D 51 -19.95 -27.26 5.37
CA ALA D 51 -18.80 -26.43 4.92
C ALA D 51 -18.69 -25.18 5.79
N THR D 52 -17.54 -24.97 6.40
CA THR D 52 -17.24 -23.80 7.26
C THR D 52 -15.92 -23.17 6.81
N ALA D 53 -15.99 -21.91 6.36
CA ALA D 53 -14.80 -21.15 5.93
C ALA D 53 -14.72 -19.89 6.79
N THR D 54 -13.58 -19.71 7.45
CA THR D 54 -13.35 -18.57 8.36
C THR D 54 -12.04 -17.88 8.00
N SER D 55 -12.11 -16.62 7.59
CA SER D 55 -10.92 -15.82 7.20
C SER D 55 -10.77 -14.63 8.16
N THR D 56 -9.64 -14.58 8.85
CA THR D 56 -9.32 -13.52 9.85
C THR D 56 -8.03 -12.83 9.41
N SER D 57 -8.05 -11.52 9.21
CA SER D 57 -6.84 -10.77 8.79
C SER D 57 -6.73 -9.46 9.56
N THR D 58 -5.49 -9.08 9.86
CA THR D 58 -5.11 -7.76 10.42
C THR D 58 -3.88 -7.24 9.68
N GLY D 59 -3.52 -5.97 9.92
CA GLY D 59 -2.37 -5.31 9.29
C GLY D 59 -2.48 -5.37 7.77
N THR D 60 -1.52 -6.01 7.10
CA THR D 60 -1.49 -6.14 5.61
C THR D 60 -1.72 -7.60 5.22
N GLY D 61 -2.26 -8.41 6.13
CA GLY D 61 -2.47 -9.85 5.88
C GLY D 61 -3.56 -10.08 4.86
N THR D 62 -3.43 -11.20 4.13
CA THR D 62 -4.49 -11.74 3.24
C THR D 62 -4.86 -13.13 3.78
N ALA D 63 -6.12 -13.30 4.17
CA ALA D 63 -6.67 -14.57 4.67
C ALA D 63 -7.73 -15.05 3.67
N THR D 64 -7.51 -16.21 3.08
CA THR D 64 -8.41 -16.79 2.05
C THR D 64 -8.77 -18.21 2.46
N THR D 65 -10.06 -18.52 2.50
CA THR D 65 -10.54 -19.87 2.84
C THR D 65 -11.59 -20.32 1.84
N THR D 66 -11.53 -21.60 1.46
CA THR D 66 -12.52 -22.25 0.59
C THR D 66 -12.85 -23.60 1.21
N ALA D 67 -14.12 -23.81 1.55
CA ALA D 67 -14.58 -25.06 2.15
C ALA D 67 -15.68 -25.62 1.27
N THR D 68 -15.59 -26.90 0.94
CA THR D 68 -16.61 -27.61 0.12
C THR D 68 -17.04 -28.87 0.86
N SER D 69 -18.35 -29.06 1.01
CA SER D 69 -18.97 -30.23 1.64
C SER D 69 -18.46 -30.35 3.09
N ASN D 70 -18.16 -31.55 3.57
CA ASN D 70 -17.89 -31.79 5.02
C ASN D 70 -16.46 -31.31 5.28
N ALA D 71 -16.29 -30.02 5.53
CA ALA D 71 -14.95 -29.39 5.53
C ALA D 71 -14.94 -28.09 6.34
N ALA D 72 -13.84 -27.84 7.02
CA ALA D 72 -13.55 -26.57 7.72
C ALA D 72 -12.21 -26.05 7.20
N ALA D 73 -12.21 -24.83 6.70
CA ALA D 73 -10.98 -24.14 6.26
C ALA D 73 -10.89 -22.83 7.01
N THR D 74 -9.76 -22.61 7.70
CA THR D 74 -9.52 -21.45 8.58
C THR D 74 -8.18 -20.83 8.19
N SER D 75 -8.19 -19.54 7.89
CA SER D 75 -6.97 -18.77 7.57
C SER D 75 -6.90 -17.58 8.52
N ASN D 76 -5.75 -17.44 9.17
CA ASN D 76 -5.45 -16.36 10.14
C ASN D 76 -4.23 -15.63 9.60
N ALA D 77 -4.40 -14.43 9.05
CA ALA D 77 -3.27 -13.61 8.56
C ALA D 77 -3.07 -12.50 9.59
N ILE D 78 -2.17 -12.72 10.54
CA ILE D 78 -1.98 -11.82 11.71
C ILE D 78 -0.88 -10.82 11.36
N GLY D 79 -1.29 -9.60 11.04
CA GLY D 79 -0.39 -8.48 10.79
C GLY D 79 0.15 -8.46 9.38
N GLN D 80 0.33 -9.63 8.76
CA GLN D 80 1.06 -9.72 7.47
C GLN D 80 0.89 -11.11 6.87
N GLY D 81 1.34 -11.27 5.63
CA GLY D 81 1.46 -12.58 4.96
C GLY D 81 0.16 -13.02 4.34
N THR D 82 0.25 -14.14 3.62
CA THR D 82 -0.87 -14.74 2.88
C THR D 82 -1.17 -16.11 3.48
N ALA D 83 -2.30 -16.23 4.16
CA ALA D 83 -2.78 -17.49 4.76
C ALA D 83 -3.91 -18.00 3.89
N THR D 84 -3.70 -19.15 3.24
CA THR D 84 -4.68 -19.73 2.30
C THR D 84 -5.00 -21.15 2.76
N SER D 85 -6.28 -21.49 2.84
CA SER D 85 -6.70 -22.84 3.26
C SER D 85 -7.85 -23.26 2.37
N THR D 86 -7.76 -24.49 1.83
CA THR D 86 -8.75 -25.08 0.92
C THR D 86 -9.03 -26.49 1.44
N ALA D 87 -10.29 -26.79 1.70
CA ALA D 87 -10.70 -28.08 2.30
C ALA D 87 -11.94 -28.58 1.56
N THR D 88 -11.92 -29.85 1.17
CA THR D 88 -13.02 -30.54 0.48
C THR D 88 -13.22 -31.90 1.16
N GLY D 89 -14.41 -32.14 1.67
CA GLY D 89 -14.75 -33.41 2.31
C GLY D 89 -15.90 -34.10 1.61
N THR D 90 -16.39 -35.17 2.22
CA THR D 90 -17.57 -35.92 1.78
C THR D 90 -18.34 -36.28 3.05
N ALA D 91 -19.57 -36.75 2.92
CA ALA D 91 -20.33 -37.26 4.08
C ALA D 91 -19.47 -38.36 4.72
N ALA D 92 -19.21 -38.25 6.01
CA ALA D 92 -18.47 -39.29 6.78
C ALA D 92 -16.95 -39.15 6.65
N ALA D 93 -16.43 -38.13 5.95
CA ALA D 93 -14.98 -37.88 5.88
C ALA D 93 -14.73 -36.39 5.81
N ARG D 94 -14.22 -35.83 6.88
CA ARG D 94 -14.18 -34.36 7.05
C ARG D 94 -12.77 -33.91 6.76
N ALA D 95 -12.66 -32.84 6.00
CA ALA D 95 -11.36 -32.24 5.63
C ALA D 95 -11.19 -30.99 6.50
N ILE D 96 -10.07 -30.89 7.21
CA ILE D 96 -9.81 -29.73 8.11
C ILE D 96 -8.47 -29.11 7.73
N GLY D 97 -8.54 -27.86 7.29
CA GLY D 97 -7.35 -27.06 6.94
C GLY D 97 -7.25 -25.87 7.86
N SER D 98 -6.04 -25.55 8.29
CA SER D 98 -5.75 -24.34 9.08
C SER D 98 -4.43 -23.72 8.62
N SER D 99 -4.47 -22.46 8.21
CA SER D 99 -3.28 -21.70 7.75
C SER D 99 -3.17 -20.44 8.59
N THR D 100 -1.99 -20.19 9.13
CA THR D 100 -1.71 -18.97 9.91
C THR D 100 -0.42 -18.31 9.43
N THR D 101 -0.46 -17.01 9.17
CA THR D 101 0.77 -16.20 8.98
C THR D 101 0.88 -15.24 10.16
N SER D 102 2.12 -15.03 10.60
CA SER D 102 2.46 -14.20 11.77
C SER D 102 3.95 -13.88 11.70
N ALA D 103 4.31 -12.64 12.00
CA ALA D 103 5.71 -12.21 12.16
C ALA D 103 6.42 -13.08 13.22
N SER D 104 5.68 -13.68 14.15
CA SER D 104 6.25 -14.46 15.29
C SER D 104 6.49 -15.92 14.87
N ALA D 105 6.01 -16.36 13.71
CA ALA D 105 6.27 -17.73 13.19
C ALA D 105 7.77 -17.88 12.90
N THR D 106 8.25 -19.10 12.71
CA THR D 106 9.71 -19.34 12.61
C THR D 106 10.09 -19.65 11.15
N GLU D 107 9.16 -20.02 10.28
CA GLU D 107 9.47 -20.40 8.88
C GLU D 107 8.83 -19.42 7.89
N PRO D 108 9.59 -18.88 6.91
CA PRO D 108 9.03 -17.97 5.92
C PRO D 108 7.79 -18.54 5.20
N THR D 109 7.90 -19.79 4.78
CA THR D 109 6.86 -20.50 3.98
C THR D 109 6.56 -21.85 4.61
N GLN D 110 5.29 -22.22 4.63
CA GLN D 110 4.86 -23.58 4.99
C GLN D 110 3.71 -23.96 4.08
N THR D 111 3.82 -25.09 3.39
CA THR D 111 2.80 -25.62 2.47
C THR D 111 2.54 -27.07 2.85
N LYS D 112 1.26 -27.41 3.02
CA LYS D 112 0.87 -28.82 3.25
C LYS D 112 -0.30 -29.14 2.33
N THR D 113 -0.16 -30.19 1.52
CA THR D 113 -1.22 -30.76 0.68
C THR D 113 -1.47 -32.20 1.15
N VAL D 114 -2.72 -32.50 1.44
CA VAL D 114 -3.12 -33.84 1.97
C VAL D 114 -4.36 -34.30 1.25
N SER D 115 -4.37 -35.56 0.84
CA SER D 115 -5.54 -36.21 0.22
C SER D 115 -5.55 -37.68 0.63
N GLY D 116 -6.67 -38.17 1.15
CA GLY D 116 -6.84 -39.60 1.43
C GLY D 116 -8.25 -39.92 1.90
N PRO D 117 -8.56 -41.22 2.08
CA PRO D 117 -9.86 -41.64 2.59
C PRO D 117 -9.98 -41.35 4.09
N GLY D 118 -11.20 -41.05 4.54
CA GLY D 118 -11.50 -40.73 5.94
C GLY D 118 -11.03 -39.32 6.29
N ALA D 119 -11.14 -38.92 7.56
CA ALA D 119 -10.83 -37.56 8.02
C ALA D 119 -9.39 -37.20 7.63
N GLN D 120 -9.16 -35.98 7.17
CA GLN D 120 -7.81 -35.49 6.81
C GLN D 120 -7.64 -34.10 7.43
N THR D 121 -6.45 -33.82 7.94
CA THR D 121 -6.10 -32.53 8.57
C THR D 121 -4.77 -32.03 8.01
N ALA D 122 -4.67 -30.71 7.85
CA ALA D 122 -3.40 -30.03 7.53
C ALA D 122 -3.37 -28.68 8.22
N THR D 123 -2.23 -28.38 8.81
CA THR D 123 -1.95 -27.11 9.51
C THR D 123 -0.66 -26.54 8.91
N ALA D 124 -0.66 -25.24 8.62
CA ALA D 124 0.55 -24.52 8.21
C ALA D 124 0.63 -23.22 9.02
N ILE D 125 1.83 -22.92 9.48
CA ILE D 125 2.17 -21.66 10.21
C ILE D 125 3.44 -21.10 9.57
N ALA D 126 3.42 -19.84 9.18
CA ALA D 126 4.54 -19.22 8.46
C ALA D 126 4.58 -17.71 8.68
N ILE D 127 5.72 -17.11 8.35
CA ILE D 127 5.97 -15.65 8.47
C ILE D 127 5.29 -14.96 7.27
N ASP D 128 5.44 -15.52 6.07
CA ASP D 128 5.02 -14.86 4.80
C ASP D 128 3.86 -15.60 4.14
N THR D 129 3.96 -16.93 4.00
CA THR D 129 3.01 -17.71 3.18
C THR D 129 2.74 -19.05 3.85
N ALA D 130 1.50 -19.22 4.31
CA ALA D 130 1.01 -20.49 4.89
C ALA D 130 -0.14 -20.99 4.02
N THR D 131 0.01 -22.18 3.47
CA THR D 131 -0.96 -22.76 2.52
C THR D 131 -1.28 -24.19 2.93
N THR D 132 -2.57 -24.48 3.05
CA THR D 132 -3.08 -25.84 3.32
C THR D 132 -4.12 -26.20 2.26
N THR D 133 -4.03 -27.42 1.72
CA THR D 133 -4.99 -28.00 0.76
C THR D 133 -5.31 -29.41 1.24
N VAL D 134 -6.57 -29.70 1.52
CA VAL D 134 -6.96 -30.96 2.20
C VAL D 134 -8.17 -31.52 1.49
N THR D 135 -8.11 -32.80 1.15
CA THR D 135 -9.21 -33.55 0.52
C THR D 135 -9.40 -34.84 1.30
N ALA D 136 -10.62 -35.07 1.77
CA ALA D 136 -11.04 -36.31 2.45
C ALA D 136 -12.10 -37.00 1.60
N SER D 137 -11.95 -38.30 1.31
CA SER D 137 -12.96 -39.12 0.60
C SER D 137 -13.28 -40.39 1.40
N MET E 1 8.07 -31.88 16.70
CA MET E 1 6.64 -31.49 16.65
C MET E 1 5.78 -32.70 17.01
N TYR E 2 4.73 -32.49 17.78
CA TYR E 2 3.68 -33.49 18.03
C TYR E 2 2.47 -33.12 17.19
N SER E 3 1.73 -34.14 16.76
CA SER E 3 0.39 -33.97 16.15
C SER E 3 -0.56 -35.01 16.75
N CYS E 4 -1.82 -34.68 16.90
CA CYS E 4 -2.79 -35.57 17.56
C CYS E 4 -4.12 -35.39 16.83
N ARG E 5 -4.91 -36.46 16.79
CA ARG E 5 -6.23 -36.40 16.14
C ARG E 5 -7.13 -37.49 16.67
N ALA E 6 -8.39 -37.12 16.94
CA ALA E 6 -9.43 -38.04 17.44
C ALA E 6 -10.68 -37.83 16.60
N VAL E 7 -11.21 -38.92 16.07
CA VAL E 7 -12.50 -38.94 15.33
C VAL E 7 -13.52 -39.72 16.16
N GLY E 8 -14.62 -39.07 16.51
CA GLY E 8 -15.70 -39.70 17.27
C GLY E 8 -16.42 -40.83 16.53
N VAL E 9 -16.85 -41.83 17.30
CA VAL E 9 -17.64 -43.02 16.85
C VAL E 9 -18.97 -43.03 17.65
N ASP E 10 -19.91 -43.92 17.33
CA ASP E 10 -21.30 -43.85 17.85
C ASP E 10 -21.33 -43.85 19.40
N ALA E 11 -21.90 -42.79 19.99
CA ALA E 11 -22.12 -42.58 21.45
C ALA E 11 -20.82 -42.77 22.26
N SER E 12 -19.66 -42.62 21.63
CA SER E 12 -18.37 -43.19 22.10
C SER E 12 -17.26 -42.15 21.96
N THR E 13 -16.26 -42.23 22.83
CA THR E 13 -15.20 -41.21 22.97
C THR E 13 -13.88 -41.83 22.54
N VAL E 14 -13.13 -41.08 21.73
CA VAL E 14 -11.76 -41.44 21.31
C VAL E 14 -10.81 -40.36 21.84
N THR E 15 -9.73 -40.79 22.45
CA THR E 15 -8.66 -39.88 22.91
C THR E 15 -7.35 -40.26 22.24
N ASP E 16 -6.65 -39.25 21.72
CA ASP E 16 -5.30 -39.38 21.11
C ASP E 16 -4.41 -38.32 21.75
N VAL E 17 -3.39 -38.80 22.46
CA VAL E 17 -2.37 -37.94 23.12
C VAL E 17 -1.01 -38.30 22.53
N GLN E 18 -0.33 -37.28 22.02
CA GLN E 18 1.08 -37.40 21.58
C GLN E 18 1.85 -36.25 22.22
N GLY E 19 2.73 -36.55 23.16
CA GLY E 19 3.48 -35.51 23.90
C GLY E 19 2.53 -34.48 24.47
N THR E 20 2.66 -33.21 24.08
CA THR E 20 1.90 -32.07 24.63
C THR E 20 0.63 -31.81 23.81
N CYS E 21 0.26 -32.75 22.94
CA CYS E 21 -0.90 -32.64 22.03
C CYS E 21 -2.00 -33.58 22.52
N HIS E 22 -3.16 -33.05 22.93
CA HIS E 22 -4.30 -33.83 23.46
C HIS E 22 -5.53 -33.58 22.61
N ALA E 23 -6.05 -34.63 21.97
CA ALA E 23 -7.29 -34.59 21.17
C ALA E 23 -8.29 -35.57 21.76
N LYS E 24 -9.54 -35.13 21.88
CA LYS E 24 -10.63 -35.98 22.38
C LYS E 24 -11.87 -35.66 21.58
N ALA E 25 -12.50 -36.70 21.04
CA ALA E 25 -13.72 -36.56 20.22
C ALA E 25 -14.73 -37.59 20.67
N THR E 26 -15.98 -37.14 20.78
CA THR E 26 -17.12 -37.99 21.18
C THR E 26 -18.23 -37.89 20.14
N GLY E 27 -18.65 -39.04 19.63
CA GLY E 27 -19.85 -39.16 18.81
C GLY E 27 -19.50 -39.02 17.34
N PRO E 28 -20.37 -39.53 16.45
CA PRO E 28 -20.09 -39.48 15.01
C PRO E 28 -20.22 -37.99 14.61
N GLY E 29 -19.36 -37.56 13.70
CA GLY E 29 -19.34 -36.16 13.22
C GLY E 29 -18.56 -35.25 14.15
N ALA E 30 -17.84 -35.79 15.14
CA ALA E 30 -16.95 -35.00 16.02
C ALA E 30 -15.49 -35.28 15.64
N VAL E 31 -14.73 -34.21 15.46
CA VAL E 31 -13.28 -34.32 15.15
C VAL E 31 -12.52 -33.29 15.97
N ALA E 32 -11.47 -33.75 16.65
CA ALA E 32 -10.53 -32.90 17.40
C ALA E 32 -9.13 -33.18 16.87
N SER E 33 -8.35 -32.14 16.63
CA SER E 33 -6.95 -32.31 16.17
C SER E 33 -6.09 -31.16 16.69
N GLY E 34 -4.78 -31.38 16.66
CA GLY E 34 -3.84 -30.34 17.07
C GLY E 34 -2.42 -30.66 16.66
N THR E 35 -1.58 -29.66 16.79
CA THR E 35 -0.12 -29.79 16.69
C THR E 35 0.46 -28.96 17.83
N SER E 36 1.60 -29.38 18.32
CA SER E 36 2.26 -28.74 19.47
C SER E 36 3.73 -29.10 19.46
N VAL E 37 4.49 -28.51 20.36
CA VAL E 37 5.93 -28.81 20.55
C VAL E 37 6.18 -29.00 22.05
N ASP E 38 7.39 -29.39 22.42
CA ASP E 38 7.80 -29.68 23.82
C ASP E 38 7.44 -28.59 24.84
N GLY E 39 7.56 -27.28 24.56
CA GLY E 39 7.28 -26.26 25.58
C GLY E 39 5.91 -25.63 25.39
N SER E 40 5.10 -26.17 24.49
CA SER E 40 3.75 -25.67 24.17
C SER E 40 2.75 -26.73 24.62
N THR E 41 1.46 -26.40 24.58
CA THR E 41 0.36 -27.36 24.88
C THR E 41 -0.77 -27.10 23.90
N SER E 42 -1.31 -28.16 23.30
CA SER E 42 -2.54 -28.10 22.48
C SER E 42 -3.54 -29.10 23.06
N THR E 43 -4.73 -28.64 23.39
CA THR E 43 -5.84 -29.47 23.87
C THR E 43 -7.07 -29.16 23.03
N ALA E 44 -7.63 -30.17 22.38
CA ALA E 44 -8.82 -30.04 21.54
C ALA E 44 -9.85 -31.07 21.96
N THR E 45 -11.08 -30.61 22.20
CA THR E 45 -12.21 -31.46 22.58
C THR E 45 -13.41 -31.17 21.68
N ALA E 46 -13.97 -32.19 21.06
CA ALA E 46 -15.13 -32.06 20.17
C ALA E 46 -16.18 -33.07 20.62
N THR E 47 -17.44 -32.63 20.72
CA THR E 47 -18.56 -33.51 21.09
C THR E 47 -19.73 -33.28 20.13
N GLY E 48 -20.24 -34.36 19.58
CA GLY E 48 -21.52 -34.36 18.85
C GLY E 48 -21.31 -34.07 17.37
N SER E 49 -22.40 -34.20 16.63
CA SER E 49 -22.44 -34.09 15.16
C SER E 49 -22.09 -32.64 14.76
N GLY E 50 -21.10 -32.50 13.89
CA GLY E 50 -20.69 -31.21 13.29
C GLY E 50 -19.68 -30.47 14.15
N ALA E 51 -19.13 -31.11 15.18
CA ALA E 51 -18.16 -30.45 16.09
C ALA E 51 -16.74 -30.63 15.54
N THR E 52 -16.04 -29.51 15.36
CA THR E 52 -14.62 -29.49 14.94
C THR E 52 -13.82 -28.60 15.90
N ALA E 53 -12.83 -29.18 16.56
CA ALA E 53 -11.92 -28.45 17.46
C ALA E 53 -10.49 -28.62 16.96
N THR E 54 -9.80 -27.50 16.72
CA THR E 54 -8.41 -27.51 16.21
C THR E 54 -7.54 -26.63 17.11
N SER E 55 -6.54 -27.22 17.74
CA SER E 55 -5.59 -26.49 18.62
C SER E 55 -4.19 -26.55 18.06
N THR E 56 -3.61 -25.39 17.75
CA THR E 56 -2.27 -25.26 17.15
C THR E 56 -1.41 -24.41 18.08
N SER E 57 -0.27 -24.93 18.53
CA SER E 57 0.62 -24.17 19.44
C SER E 57 2.08 -24.37 19.05
N THR E 58 2.86 -23.30 19.21
CA THR E 58 4.33 -23.30 19.06
C THR E 58 4.95 -22.51 20.22
N GLY E 59 6.28 -22.58 20.36
CA GLY E 59 7.03 -21.89 21.43
C GLY E 59 6.50 -22.30 22.79
N THR E 60 5.99 -21.36 23.58
CA THR E 60 5.44 -21.61 24.94
C THR E 60 3.93 -21.40 24.95
N GLY E 61 3.30 -21.39 23.78
CA GLY E 61 1.85 -21.13 23.65
C GLY E 61 1.03 -22.26 24.22
N THR E 62 -0.17 -21.93 24.71
CA THR E 62 -1.24 -22.88 25.10
C THR E 62 -2.46 -22.62 24.20
N ALA E 63 -2.85 -23.61 23.42
CA ALA E 63 -4.02 -23.57 22.51
C ALA E 63 -5.05 -24.58 23.03
N THR E 64 -6.24 -24.11 23.38
CA THR E 64 -7.33 -24.94 23.96
C THR E 64 -8.60 -24.67 23.16
N THR E 65 -9.24 -25.72 22.68
CA THR E 65 -10.50 -25.62 21.92
C THR E 65 -11.51 -26.61 22.49
N THR E 66 -12.75 -26.19 22.55
CA THR E 66 -13.92 -27.05 22.91
C THR E 66 -15.03 -26.73 21.92
N ALA E 67 -15.46 -27.73 21.18
CA ALA E 67 -16.55 -27.57 20.19
C ALA E 67 -17.64 -28.57 20.54
N THR E 68 -18.88 -28.12 20.62
CA THR E 68 -20.05 -28.96 20.95
C THR E 68 -21.13 -28.75 19.90
N SER E 69 -21.63 -29.86 19.35
CA SER E 69 -22.70 -29.88 18.33
C SER E 69 -22.21 -29.10 17.11
N ASN E 70 -23.09 -28.32 16.50
CA ASN E 70 -22.80 -27.70 15.17
C ASN E 70 -21.88 -26.51 15.43
N ALA E 71 -20.57 -26.75 15.54
CA ALA E 71 -19.62 -25.76 16.04
C ALA E 71 -18.19 -26.06 15.59
N ALA E 72 -17.43 -25.00 15.33
CA ALA E 72 -15.99 -25.06 15.01
C ALA E 72 -15.27 -24.11 15.95
N ALA E 73 -14.29 -24.62 16.68
CA ALA E 73 -13.45 -23.83 17.61
C ALA E 73 -12.00 -24.05 17.20
N THR E 74 -11.29 -22.95 16.95
CA THR E 74 -9.88 -22.95 16.51
C THR E 74 -9.09 -22.02 17.44
N SER E 75 -8.01 -22.55 18.02
CA SER E 75 -7.07 -21.76 18.84
C SER E 75 -5.68 -21.90 18.23
N ASN E 76 -5.04 -20.75 18.02
CA ASN E 76 -3.69 -20.62 17.45
C ASN E 76 -2.85 -19.88 18.48
N ALA E 77 -1.97 -20.59 19.18
CA ALA E 77 -1.05 -19.96 20.15
C ALA E 77 0.32 -19.94 19.49
N ILE E 78 0.65 -18.82 18.84
CA ILE E 78 1.86 -18.74 17.99
C ILE E 78 2.99 -18.15 18.82
N GLY E 79 3.90 -19.03 19.26
CA GLY E 79 5.12 -18.67 19.97
C GLY E 79 4.87 -18.47 21.46
N GLN E 80 3.68 -18.03 21.87
CA GLN E 80 3.41 -17.63 23.27
C GLN E 80 1.92 -17.43 23.49
N GLY E 81 1.54 -17.23 24.75
CA GLY E 81 0.18 -16.81 25.14
C GLY E 81 -0.77 -17.98 25.25
N THR E 82 -1.98 -17.69 25.71
CA THR E 82 -3.06 -18.68 25.93
C THR E 82 -4.23 -18.30 25.01
N ALA E 83 -4.45 -19.14 23.99
CA ALA E 83 -5.57 -18.99 23.04
C ALA E 83 -6.62 -20.05 23.39
N THR E 84 -7.80 -19.60 23.82
CA THR E 84 -8.88 -20.50 24.26
C THR E 84 -10.14 -20.18 23.45
N SER E 85 -10.78 -21.18 22.89
CA SER E 85 -12.01 -20.99 22.09
C SER E 85 -12.99 -22.08 22.47
N THR E 86 -14.22 -21.67 22.80
CA THR E 86 -15.34 -22.56 23.16
C THR E 86 -16.53 -22.20 22.27
N ALA E 87 -17.05 -23.17 21.54
CA ALA E 87 -18.16 -22.94 20.59
C ALA E 87 -19.19 -24.06 20.78
N THR E 88 -20.46 -23.66 20.88
CA THR E 88 -21.60 -24.57 21.07
C THR E 88 -22.69 -24.14 20.10
N GLY E 89 -23.11 -25.05 19.24
CA GLY E 89 -24.20 -24.79 18.28
C GLY E 89 -25.37 -25.71 18.53
N THR E 90 -26.30 -25.69 17.60
CA THR E 90 -27.46 -26.60 17.55
C THR E 90 -27.62 -27.02 16.10
N ALA E 91 -28.48 -28.00 15.85
CA ALA E 91 -28.69 -28.51 14.47
C ALA E 91 -28.94 -27.36 13.51
N ALA E 92 -29.73 -26.32 13.80
CA ALA E 92 -30.10 -25.31 12.79
C ALA E 92 -29.05 -24.19 12.68
N ALA E 93 -28.01 -24.15 13.51
CA ALA E 93 -27.33 -22.88 13.89
C ALA E 93 -25.90 -23.13 14.36
N ARG E 94 -24.94 -22.67 13.55
CA ARG E 94 -23.52 -23.03 13.72
C ARG E 94 -22.82 -21.95 14.56
N ALA E 95 -22.02 -22.37 15.51
CA ALA E 95 -21.21 -21.48 16.36
C ALA E 95 -19.76 -21.58 15.90
N ILE E 96 -19.13 -20.45 15.65
CA ILE E 96 -17.73 -20.43 15.12
C ILE E 96 -16.87 -19.52 16.00
N GLY E 97 -15.86 -20.12 16.64
CA GLY E 97 -14.94 -19.42 17.53
C GLY E 97 -13.54 -19.49 17.01
N SER E 98 -12.81 -18.38 17.08
CA SER E 98 -11.37 -18.33 16.68
C SER E 98 -10.61 -17.49 17.70
N SER E 99 -9.58 -18.06 18.30
CA SER E 99 -8.70 -17.34 19.25
C SER E 99 -7.26 -17.48 18.76
N THR E 100 -6.53 -16.36 18.69
CA THR E 100 -5.12 -16.35 18.28
C THR E 100 -4.30 -15.52 19.27
N THR E 101 -3.18 -16.07 19.74
CA THR E 101 -2.17 -15.27 20.45
C THR E 101 -0.90 -15.23 19.59
N SER E 102 -0.27 -14.06 19.59
CA SER E 102 0.97 -13.78 18.85
C SER E 102 1.63 -12.54 19.46
N ALA E 103 2.96 -12.57 19.62
CA ALA E 103 3.76 -11.39 20.03
C ALA E 103 3.48 -10.18 19.13
N SER E 104 3.05 -10.40 17.88
CA SER E 104 2.86 -9.30 16.90
C SER E 104 1.48 -8.67 17.02
N ALA E 105 0.56 -9.25 17.81
CA ALA E 105 -0.80 -8.68 18.04
C ALA E 105 -0.67 -7.33 18.75
N THR E 106 -1.78 -6.57 18.77
CA THR E 106 -1.87 -5.17 19.25
C THR E 106 -2.21 -5.09 20.74
N GLU E 107 -3.03 -6.02 21.23
CA GLU E 107 -3.64 -5.92 22.58
C GLU E 107 -3.18 -7.07 23.46
N PRO E 108 -2.74 -6.82 24.72
CA PRO E 108 -2.36 -7.89 25.64
C PRO E 108 -3.45 -8.96 25.78
N THR E 109 -4.69 -8.52 25.97
CA THR E 109 -5.86 -9.40 26.22
C THR E 109 -7.00 -9.04 25.28
N GLN E 110 -7.69 -10.06 24.80
CA GLN E 110 -8.96 -9.88 24.06
C GLN E 110 -9.90 -11.00 24.50
N THR E 111 -11.07 -10.64 25.00
CA THR E 111 -12.10 -11.62 25.45
C THR E 111 -13.41 -11.26 24.77
N LYS E 112 -14.03 -12.24 24.12
CA LYS E 112 -15.33 -12.05 23.45
C LYS E 112 -16.26 -13.18 23.86
N THR E 113 -17.45 -12.83 24.33
CA THR E 113 -18.56 -13.77 24.60
C THR E 113 -19.72 -13.36 23.71
N VAL E 114 -20.25 -14.32 22.95
CA VAL E 114 -21.34 -14.07 21.98
C VAL E 114 -22.36 -15.18 22.12
N SER E 115 -23.62 -14.80 22.09
CA SER E 115 -24.75 -15.73 22.25
C SER E 115 -25.96 -15.16 21.50
N GLY E 116 -26.62 -15.94 20.66
CA GLY E 116 -27.87 -15.50 20.03
C GLY E 116 -28.45 -16.56 19.10
N PRO E 117 -29.64 -16.28 18.52
CA PRO E 117 -30.27 -17.18 17.57
C PRO E 117 -29.55 -17.15 16.21
N GLY E 118 -29.53 -18.30 15.52
CA GLY E 118 -28.85 -18.48 14.22
C GLY E 118 -27.35 -18.51 14.38
N ALA E 119 -26.63 -18.54 13.26
CA ALA E 119 -25.15 -18.65 13.22
C ALA E 119 -24.54 -17.53 14.08
N GLN E 120 -23.51 -17.86 14.85
CA GLN E 120 -22.79 -16.88 15.68
C GLN E 120 -21.29 -17.07 15.48
N THR E 121 -20.56 -15.97 15.49
CA THR E 121 -19.08 -15.97 15.36
C THR E 121 -18.47 -15.11 16.47
N ALA E 122 -17.30 -15.52 16.94
CA ALA E 122 -16.43 -14.65 17.75
C ALA E 122 -14.98 -14.92 17.38
N THR E 123 -14.22 -13.85 17.24
CA THR E 123 -12.78 -13.88 16.92
C THR E 123 -12.06 -13.00 17.95
N ALA E 124 -10.97 -13.51 18.49
CA ALA E 124 -10.09 -12.75 19.43
C ALA E 124 -8.65 -12.94 19.00
N ILE E 125 -7.90 -11.84 19.01
CA ILE E 125 -6.45 -11.80 18.69
C ILE E 125 -5.78 -10.99 19.80
N ALA E 126 -4.72 -11.53 20.40
CA ALA E 126 -4.05 -10.89 21.54
C ALA E 126 -2.59 -11.33 21.64
N ILE E 127 -1.83 -10.59 22.44
CA ILE E 127 -0.39 -10.86 22.71
C ILE E 127 -0.30 -11.99 23.73
N ASP E 128 -1.11 -11.94 24.78
CA ASP E 128 -0.98 -12.86 25.95
C ASP E 128 -2.18 -13.80 26.06
N THR E 129 -3.39 -13.27 25.96
CA THR E 129 -4.63 -14.04 26.27
C THR E 129 -5.73 -13.66 25.29
N ALA E 130 -6.09 -14.61 24.44
CA ALA E 130 -7.22 -14.49 23.50
C ALA E 130 -8.25 -15.54 23.87
N THR E 131 -9.46 -15.12 24.19
CA THR E 131 -10.55 -16.02 24.63
C THR E 131 -11.82 -15.69 23.86
N THR E 132 -12.42 -16.72 23.28
CA THR E 132 -13.73 -16.63 22.61
C THR E 132 -14.66 -17.68 23.22
N THR E 133 -15.89 -17.30 23.47
CA THR E 133 -17.01 -18.18 23.85
C THR E 133 -18.18 -17.81 22.95
N VAL E 134 -18.72 -18.78 22.22
CA VAL E 134 -19.78 -18.54 21.21
C VAL E 134 -20.85 -19.59 21.39
N THR E 135 -22.11 -19.15 21.43
CA THR E 135 -23.29 -20.02 21.55
C THR E 135 -24.30 -19.60 20.49
N ALA E 136 -24.76 -20.55 19.67
CA ALA E 136 -25.81 -20.34 18.66
C ALA E 136 -27.03 -21.20 19.05
N SER E 137 -28.23 -20.60 19.04
CA SER E 137 -29.55 -21.29 19.15
C SER E 137 -30.34 -21.15 17.84
N LEU E 138 -31.51 -21.77 17.65
CA LEU E 138 -32.26 -21.47 16.38
C LEU E 138 -33.27 -20.34 16.56
#